data_8U2W
#
_entry.id   8U2W
#
_cell.length_a   121.332
_cell.length_b   123.258
_cell.length_c   162.171
_cell.angle_alpha   90.00
_cell.angle_beta   90.00
_cell.angle_gamma   90.00
#
_symmetry.space_group_name_H-M   'C 2 2 21'
#
loop_
_entity.id
_entity.type
_entity.pdbx_description
1 polymer 'Acetyl-coenzyme A synthetase'
2 non-polymer 'NADP NICOTINAMIDE-ADENINE-DINUCLEOTIDE PHOSPHATE'
3 water water
#
_entity_poly.entity_id   1
_entity_poly.type   'polypeptide(L)'
_entity_poly.pdbx_seq_one_letter_code
;MAHHHHHHMKSDSEVNQEAKPEVKPEVKPETHINLKVSDGSSEIFFKIKKTTPLRRLMEAFAKRQGKEMDSLRFLYDGIR
IQADQTPEDLDMEDNDIIEAHREQIGGTLEAQTQGPGSMSGEHPSIDRDPYVVDLDTILDNLREQVLDKKPDDVLKFISK
SALTLQSDEKRESCERIVSKVSEEQKRRPLTVVVLGASGDLAKKKTFPALFQLYCDGLLPPQINIVGYARTKQDDVEKWK
HETLTKYFSRLHERSCHVEPFLKHVTYFTGSYDKKEDFQRLDEHVSKLEDAFDGEEKAGDRLFYLALPPSAFAGACGSIR
AGAMPREGGWIRVIIEKPFGHDTESSAELSKAIEPFFDESQIYRIDHYLGKEMVQNIITTRFANRIFSALWNSNNIACVQ
ITFKETIGTEGRGGYFDSIGIIRDVMQNHLTQILALLAMEKPNSLDAERIRDEKVSLLKCIAPIGKDDCVLGQYTASADG
SIPGYLEDETVPKGSTCPTFAVLRLHINNDRWAGVPFILKAGKAVEQKYVAIRIQFKDEIRPYGDAAQRNELVIRAQPSE
AMYMKITTKMPGLNEDLRETHQTELDLTYHSRFNVHLPDAYESLISDALRGNSTNFVRKDELDVAWRIFTPLLHQIDKGE
VKPIPYQAGTRGPKEADDFILNSGFKFQKGYHWLAPNKL
;
_entity_poly.pdbx_strand_id   A,B
#
loop_
_chem_comp.id
_chem_comp.type
_chem_comp.name
_chem_comp.formula
NAP non-polymer 'NADP NICOTINAMIDE-ADENINE-DINUCLEOTIDE PHOSPHATE' 'C21 H28 N7 O17 P3'
#
# COMPACT_ATOMS: atom_id res chain seq x y z
N CYS A 174 -10.43 5.27 36.08
CA CYS A 174 -11.28 6.34 35.56
C CYS A 174 -10.45 7.39 34.80
N GLU A 175 -11.12 8.45 34.35
CA GLU A 175 -10.46 9.52 33.62
C GLU A 175 -11.22 10.81 33.87
N ARG A 176 -10.51 11.93 33.72
CA ARG A 176 -11.10 13.26 33.90
C ARG A 176 -11.66 13.78 32.59
N ILE A 177 -12.79 14.49 32.68
CA ILE A 177 -13.45 15.05 31.51
C ILE A 177 -12.78 16.38 31.14
N VAL A 178 -12.22 16.43 29.93
CA VAL A 178 -11.58 17.63 29.40
C VAL A 178 -12.50 18.20 28.33
N SER A 179 -13.02 19.40 28.57
CA SER A 179 -13.96 20.02 27.64
C SER A 179 -13.26 20.39 26.34
N LYS A 180 -13.68 19.79 25.24
CA LYS A 180 -13.18 20.13 23.91
C LYS A 180 -14.10 21.09 23.17
N VAL A 181 -15.05 21.69 23.85
CA VAL A 181 -16.06 22.53 23.22
C VAL A 181 -15.50 23.93 23.02
N SER A 182 -15.87 24.54 21.90
CA SER A 182 -15.45 25.90 21.62
C SER A 182 -16.18 26.89 22.50
N GLU A 183 -15.59 28.07 22.66
CA GLU A 183 -16.25 29.14 23.41
C GLU A 183 -17.54 29.56 22.72
N GLU A 184 -17.61 29.44 21.39
CA GLU A 184 -18.83 29.80 20.67
C GLU A 184 -20.01 28.95 21.11
N GLN A 185 -19.75 27.72 21.57
CA GLN A 185 -20.82 26.85 22.03
C GLN A 185 -21.12 26.94 23.52
N LYS A 186 -20.29 27.66 24.29
CA LYS A 186 -20.56 27.90 25.70
C LYS A 186 -21.23 29.25 25.93
N ARG A 187 -21.67 29.92 24.87
CA ARG A 187 -22.19 31.28 24.99
C ARG A 187 -23.68 31.32 25.25
N ARG A 188 -24.42 30.30 24.82
CA ARG A 188 -25.85 30.22 24.94
C ARG A 188 -26.23 28.87 25.53
N PRO A 189 -27.43 28.75 26.09
CA PRO A 189 -27.91 27.42 26.48
C PRO A 189 -28.02 26.52 25.27
N LEU A 190 -27.93 25.21 25.52
CA LEU A 190 -28.16 24.19 24.51
C LEU A 190 -29.13 23.18 25.08
N THR A 191 -30.18 22.88 24.33
CA THR A 191 -31.11 21.84 24.67
C THR A 191 -31.19 20.85 23.52
N VAL A 192 -31.15 19.57 23.84
CA VAL A 192 -31.31 18.49 22.89
C VAL A 192 -32.56 17.73 23.32
N VAL A 193 -33.61 17.79 22.50
CA VAL A 193 -34.86 17.11 22.77
C VAL A 193 -34.92 15.86 21.91
N VAL A 194 -34.99 14.69 22.56
CA VAL A 194 -35.04 13.41 21.88
C VAL A 194 -36.49 12.94 21.88
N LEU A 195 -37.18 13.08 20.75
CA LEU A 195 -38.52 12.51 20.64
C LEU A 195 -38.43 11.00 20.47
N GLY A 196 -39.41 10.30 21.02
CA GLY A 196 -39.39 8.84 21.01
C GLY A 196 -38.41 8.21 21.97
N ALA A 197 -38.18 8.84 23.12
CA ALA A 197 -37.14 8.38 24.04
C ALA A 197 -37.41 6.98 24.58
N SER A 198 -38.65 6.49 24.49
CA SER A 198 -38.96 5.13 24.91
C SER A 198 -38.70 4.09 23.83
N GLY A 199 -38.41 4.51 22.59
CA GLY A 199 -38.17 3.57 21.51
C GLY A 199 -36.78 2.95 21.56
N ASP A 200 -36.61 1.90 20.74
CA ASP A 200 -35.38 1.12 20.77
C ASP A 200 -34.18 1.96 20.38
N LEU A 201 -34.29 2.74 19.31
CA LEU A 201 -33.15 3.52 18.84
C LEU A 201 -32.69 4.49 19.92
N ALA A 202 -33.61 5.25 20.50
CA ALA A 202 -33.23 6.28 21.45
C ALA A 202 -32.40 5.72 22.60
N LYS A 203 -32.78 4.56 23.13
CA LYS A 203 -32.11 4.02 24.31
C LYS A 203 -30.93 3.12 23.95
N LYS A 204 -30.91 2.56 22.75
CA LYS A 204 -29.78 1.73 22.32
C LYS A 204 -28.72 2.53 21.58
N LYS A 205 -29.09 3.67 21.00
CA LYS A 205 -28.15 4.42 20.17
C LYS A 205 -28.03 5.88 20.62
N THR A 206 -29.15 6.60 20.70
CA THR A 206 -29.08 8.05 20.86
C THR A 206 -28.52 8.42 22.23
N PHE A 207 -29.22 8.06 23.30
CA PHE A 207 -28.74 8.40 24.64
C PHE A 207 -27.35 7.83 24.92
N PRO A 208 -27.06 6.56 24.60
CA PRO A 208 -25.67 6.08 24.78
C PRO A 208 -24.65 6.94 24.05
N ALA A 209 -25.01 7.47 22.88
CA ALA A 209 -24.10 8.35 22.16
C ALA A 209 -23.90 9.66 22.92
N LEU A 210 -24.99 10.25 23.40
CA LEU A 210 -24.86 11.50 24.16
C LEU A 210 -23.96 11.28 25.36
N PHE A 211 -24.02 10.10 25.97
CA PHE A 211 -23.16 9.83 27.12
C PHE A 211 -21.69 9.82 26.72
N GLN A 212 -21.36 9.13 25.62
CA GLN A 212 -19.97 9.14 25.16
C GLN A 212 -19.53 10.56 24.78
N LEU A 213 -20.42 11.34 24.15
CA LEU A 213 -20.08 12.72 23.86
C LEU A 213 -19.79 13.50 25.15
N TYR A 214 -20.59 13.24 26.20
CA TYR A 214 -20.32 13.86 27.49
C TYR A 214 -18.97 13.43 28.04
N CYS A 215 -18.72 12.12 28.06
CA CYS A 215 -17.44 11.63 28.57
C CYS A 215 -16.28 12.12 27.71
N ASP A 216 -16.51 12.32 26.41
CA ASP A 216 -15.48 12.84 25.51
C ASP A 216 -15.32 14.35 25.59
N GLY A 217 -16.11 15.03 26.41
CA GLY A 217 -16.00 16.47 26.54
C GLY A 217 -16.49 17.26 25.34
N LEU A 218 -17.43 16.71 24.56
CA LEU A 218 -17.93 17.35 23.36
C LEU A 218 -19.33 17.93 23.55
N LEU A 219 -19.94 17.75 24.71
CA LEU A 219 -21.17 18.48 24.99
C LEU A 219 -20.85 19.71 25.84
N PRO A 220 -21.45 20.87 25.55
CA PRO A 220 -21.19 22.04 26.38
C PRO A 220 -21.52 21.77 27.83
N PRO A 221 -20.86 22.47 28.76
CA PRO A 221 -21.01 22.13 30.18
C PRO A 221 -22.44 22.14 30.68
N GLN A 222 -23.29 23.07 30.23
CA GLN A 222 -24.61 23.24 30.80
C GLN A 222 -25.71 22.74 29.86
N ILE A 223 -25.40 21.69 29.08
CA ILE A 223 -26.38 21.15 28.16
C ILE A 223 -27.56 20.57 28.94
N ASN A 224 -28.74 20.67 28.34
CA ASN A 224 -29.95 20.03 28.85
C ASN A 224 -30.41 19.01 27.82
N ILE A 225 -30.65 17.78 28.28
CA ILE A 225 -31.15 16.71 27.45
C ILE A 225 -32.54 16.35 27.94
N VAL A 226 -33.53 16.46 27.06
CA VAL A 226 -34.92 16.22 27.41
C VAL A 226 -35.39 14.99 26.65
N GLY A 227 -35.66 13.91 27.38
CA GLY A 227 -36.34 12.78 26.79
C GLY A 227 -37.82 13.08 26.65
N TYR A 228 -38.40 12.60 25.55
CA TYR A 228 -39.77 12.94 25.19
C TYR A 228 -40.43 11.70 24.59
N ALA A 229 -41.46 11.22 25.26
CA ALA A 229 -42.21 10.04 24.82
C ALA A 229 -43.65 10.17 25.31
N ARG A 230 -44.53 9.39 24.68
CA ARG A 230 -45.92 9.32 25.15
C ARG A 230 -46.00 8.62 26.50
N THR A 231 -45.20 7.58 26.69
CA THR A 231 -45.24 6.81 27.92
C THR A 231 -44.97 7.72 29.13
N LYS A 232 -45.84 7.62 30.12
CA LYS A 232 -45.61 8.31 31.39
C LYS A 232 -44.70 7.47 32.27
N GLN A 233 -43.80 8.14 33.00
CA GLN A 233 -42.90 7.48 33.94
C GLN A 233 -42.87 8.38 35.19
N ASP A 234 -43.76 8.10 36.14
CA ASP A 234 -43.88 8.92 37.34
C ASP A 234 -42.51 9.18 37.96
N ASP A 235 -41.77 8.10 38.24
CA ASP A 235 -40.41 8.21 38.77
C ASP A 235 -39.45 8.33 37.59
N VAL A 236 -39.10 9.56 37.25
CA VAL A 236 -38.16 9.76 36.14
C VAL A 236 -36.83 9.12 36.46
N GLU A 237 -36.42 9.13 37.73
CA GLU A 237 -35.15 8.53 38.10
C GLU A 237 -35.18 7.02 37.88
N LYS A 238 -36.36 6.41 37.97
CA LYS A 238 -36.47 5.00 37.61
C LYS A 238 -36.16 4.80 36.14
N TRP A 239 -36.81 5.57 35.28
CA TRP A 239 -36.55 5.49 33.84
C TRP A 239 -35.09 5.73 33.52
N LYS A 240 -34.46 6.73 34.16
CA LYS A 240 -33.10 7.06 33.78
C LYS A 240 -32.09 5.96 34.13
N HIS A 241 -32.38 5.11 35.10
CA HIS A 241 -31.36 4.19 35.61
C HIS A 241 -31.58 2.73 35.26
N GLU A 242 -32.80 2.35 34.85
CA GLU A 242 -33.07 0.98 34.45
C GLU A 242 -33.13 0.79 32.94
N THR A 243 -33.71 1.75 32.22
CA THR A 243 -33.84 1.64 30.77
C THR A 243 -32.79 2.44 30.02
N LEU A 244 -32.44 3.63 30.50
CA LEU A 244 -31.47 4.47 29.80
C LEU A 244 -30.05 3.94 29.94
N THR A 245 -29.60 3.80 31.18
CA THR A 245 -28.21 3.39 31.42
C THR A 245 -27.91 1.96 31.01
N LYS A 246 -28.93 1.12 30.81
CA LYS A 246 -28.66 -0.27 30.45
C LYS A 246 -27.75 -0.36 29.23
N TYR A 247 -27.86 0.59 28.31
CA TYR A 247 -27.14 0.53 27.04
C TYR A 247 -25.98 1.51 26.97
N PHE A 248 -25.56 2.07 28.11
CA PHE A 248 -24.33 2.84 28.14
C PHE A 248 -23.14 1.88 28.08
N SER A 249 -21.97 2.41 27.72
CA SER A 249 -20.82 1.56 27.47
C SER A 249 -19.54 2.15 28.04
N ARG A 250 -18.50 1.32 28.06
CA ARG A 250 -17.21 1.65 28.67
C ARG A 250 -17.36 1.93 30.16
N LEU A 251 -18.37 1.33 30.79
CA LEU A 251 -18.68 1.58 32.18
C LEU A 251 -17.77 0.75 33.09
N SER A 255 -17.66 4.74 33.96
CA SER A 255 -18.77 4.60 34.88
C SER A 255 -18.77 5.68 35.95
N CYS A 256 -17.64 6.39 36.07
CA CYS A 256 -17.52 7.46 37.04
C CYS A 256 -18.31 8.70 36.67
N HIS A 257 -18.82 8.80 35.44
CA HIS A 257 -19.52 9.99 34.98
C HIS A 257 -21.00 9.78 34.75
N VAL A 258 -21.55 8.63 35.13
CA VAL A 258 -22.95 8.35 34.80
C VAL A 258 -23.88 9.31 35.53
N GLU A 259 -23.74 9.42 36.84
CA GLU A 259 -24.69 10.25 37.60
C GLU A 259 -24.60 11.71 37.22
N PRO A 260 -23.42 12.33 37.11
CA PRO A 260 -23.38 13.72 36.62
C PRO A 260 -24.09 13.89 35.29
N PHE A 261 -24.03 12.89 34.41
CA PHE A 261 -24.68 13.00 33.11
C PHE A 261 -26.19 12.98 33.25
N LEU A 262 -26.72 12.02 34.02
CA LEU A 262 -28.17 11.93 34.21
C LEU A 262 -28.74 13.18 34.87
N LYS A 263 -27.93 13.90 35.64
CA LYS A 263 -28.37 15.17 36.19
C LYS A 263 -28.67 16.18 35.08
N HIS A 264 -28.20 15.92 33.86
CA HIS A 264 -28.48 16.78 32.70
C HIS A 264 -29.72 16.35 31.94
N VAL A 265 -30.37 15.26 32.36
CA VAL A 265 -31.44 14.61 31.60
C VAL A 265 -32.77 14.88 32.27
N THR A 266 -33.76 15.26 31.47
CA THR A 266 -35.14 15.47 31.90
C THR A 266 -36.06 14.54 31.13
N TYR A 267 -37.28 14.37 31.66
CA TYR A 267 -38.31 13.58 31.00
C TYR A 267 -39.54 14.45 30.80
N PHE A 268 -40.07 14.43 29.58
CA PHE A 268 -41.29 15.14 29.23
C PHE A 268 -42.25 14.16 28.55
N THR A 269 -43.47 14.09 29.05
CA THR A 269 -44.49 13.20 28.51
C THR A 269 -45.47 13.98 27.64
N GLY A 270 -45.75 13.48 26.46
CA GLY A 270 -46.69 14.12 25.57
C GLY A 270 -46.78 13.36 24.26
N SER A 271 -47.68 13.83 23.41
CA SER A 271 -47.85 13.26 22.08
C SER A 271 -46.91 13.94 21.09
N TYR A 272 -46.74 13.30 19.93
CA TYR A 272 -45.82 13.78 18.92
C TYR A 272 -46.47 14.70 17.90
N ASP A 273 -47.80 14.83 17.92
CA ASP A 273 -48.50 15.49 16.83
C ASP A 273 -49.59 16.42 17.33
N LYS A 274 -49.42 17.00 18.52
CA LYS A 274 -50.36 17.95 19.09
C LYS A 274 -49.61 19.23 19.44
N LYS A 275 -50.11 20.36 18.93
CA LYS A 275 -49.40 21.62 19.09
C LYS A 275 -49.23 21.99 20.57
N GLU A 276 -50.28 21.79 21.37
CA GLU A 276 -50.22 22.27 22.75
C GLU A 276 -49.25 21.46 23.60
N ASP A 277 -49.04 20.19 23.28
CA ASP A 277 -48.02 19.43 24.00
C ASP A 277 -46.62 20.00 23.76
N PHE A 278 -46.41 20.71 22.65
CA PHE A 278 -45.12 21.34 22.38
C PHE A 278 -45.04 22.75 22.93
N GLN A 279 -46.18 23.43 23.11
CA GLN A 279 -46.17 24.68 23.86
C GLN A 279 -45.76 24.43 25.30
N ARG A 280 -46.19 23.30 25.88
CA ARG A 280 -45.73 22.92 27.20
C ARG A 280 -44.22 22.64 27.20
N LEU A 281 -43.74 21.95 26.16
CA LEU A 281 -42.31 21.71 26.03
C LEU A 281 -41.56 23.03 25.96
N ASP A 282 -42.07 23.99 25.19
CA ASP A 282 -41.40 25.29 25.08
C ASP A 282 -41.27 25.97 26.44
N GLU A 283 -42.28 25.87 27.30
CA GLU A 283 -42.16 26.45 28.64
C GLU A 283 -41.17 25.65 29.49
N HIS A 284 -41.21 24.32 29.39
CA HIS A 284 -40.26 23.49 30.10
C HIS A 284 -38.83 23.80 29.65
N VAL A 285 -38.61 23.90 28.34
CA VAL A 285 -37.26 24.16 27.83
C VAL A 285 -36.82 25.59 28.15
N SER A 286 -37.75 26.54 28.08
CA SER A 286 -37.41 27.92 28.43
C SER A 286 -36.98 28.04 29.88
N LYS A 287 -37.58 27.26 30.77
CA LYS A 287 -37.14 27.27 32.17
C LYS A 287 -35.72 26.76 32.29
N LEU A 288 -35.36 25.77 31.47
CA LEU A 288 -33.99 25.28 31.48
C LEU A 288 -33.03 26.32 30.89
N GLU A 289 -33.48 27.02 29.84
CA GLU A 289 -32.69 28.09 29.26
C GLU A 289 -32.50 29.24 30.24
N ASP A 290 -33.55 29.61 30.98
CA ASP A 290 -33.45 30.69 31.94
C ASP A 290 -32.52 30.36 33.10
N ALA A 291 -32.32 29.07 33.40
CA ALA A 291 -31.44 28.65 34.48
C ALA A 291 -29.99 28.59 34.05
N PHE A 292 -29.68 28.95 32.80
CA PHE A 292 -28.31 28.93 32.30
C PHE A 292 -27.42 29.89 33.09
N ASP A 293 -26.19 29.45 33.36
CA ASP A 293 -25.20 30.32 33.98
C ASP A 293 -24.57 31.15 32.86
N GLY A 294 -24.99 32.39 32.75
CA GLY A 294 -24.62 33.27 31.66
C GLY A 294 -25.74 34.25 31.38
N GLU A 295 -25.38 35.38 30.78
CA GLU A 295 -26.36 36.43 30.56
C GLU A 295 -27.33 36.06 29.45
N GLU A 296 -26.83 35.48 28.36
CA GLU A 296 -27.68 35.10 27.25
C GLU A 296 -28.51 33.87 27.61
N LYS A 297 -29.83 33.99 27.49
CA LYS A 297 -30.73 32.87 27.75
C LYS A 297 -31.37 32.32 26.49
N ALA A 298 -31.20 32.99 25.34
CA ALA A 298 -31.73 32.51 24.08
C ALA A 298 -30.97 31.29 23.58
N GLY A 299 -31.42 30.10 24.00
CA GLY A 299 -30.66 28.90 23.74
C GLY A 299 -30.90 28.32 22.36
N ASP A 300 -29.93 27.53 21.92
CA ASP A 300 -30.07 26.70 20.72
C ASP A 300 -30.82 25.43 21.05
N ARG A 301 -31.58 24.92 20.08
CA ARG A 301 -32.41 23.74 20.28
C ARG A 301 -32.22 22.73 19.16
N LEU A 302 -31.88 21.50 19.54
CA LEU A 302 -31.70 20.41 18.60
C LEU A 302 -32.72 19.33 18.89
N PHE A 303 -33.53 18.98 17.89
CA PHE A 303 -34.56 17.96 18.01
C PHE A 303 -34.13 16.71 17.24
N TYR A 304 -34.13 15.57 17.93
CA TYR A 304 -33.78 14.27 17.35
C TYR A 304 -35.06 13.44 17.26
N LEU A 305 -35.51 13.15 16.05
CA LEU A 305 -36.77 12.43 15.86
C LEU A 305 -36.50 10.93 15.77
N ALA A 306 -36.32 10.31 16.94
CA ALA A 306 -36.23 8.86 17.04
C ALA A 306 -37.63 8.23 17.04
N LEU A 307 -38.34 8.42 15.93
CA LEU A 307 -39.74 8.07 15.79
C LEU A 307 -39.96 7.19 14.57
N PRO A 308 -41.07 6.45 14.53
CA PRO A 308 -41.48 5.77 13.30
C PRO A 308 -41.73 6.78 12.20
N PRO A 309 -41.63 6.36 10.93
CA PRO A 309 -41.62 7.37 9.85
C PRO A 309 -42.87 8.22 9.76
N SER A 310 -44.04 7.65 10.05
CA SER A 310 -45.28 8.40 9.93
C SER A 310 -45.38 9.57 10.90
N ALA A 311 -44.52 9.63 11.91
CA ALA A 311 -44.56 10.73 12.87
C ALA A 311 -43.64 11.88 12.48
N PHE A 312 -42.81 11.72 11.45
CA PHE A 312 -41.85 12.76 11.09
C PHE A 312 -42.55 14.06 10.70
N ALA A 313 -43.55 13.98 9.81
CA ALA A 313 -44.23 15.18 9.36
C ALA A 313 -45.01 15.83 10.49
N GLY A 314 -45.71 15.04 11.30
CA GLY A 314 -46.49 15.60 12.38
C GLY A 314 -45.63 16.31 13.40
N ALA A 315 -44.51 15.67 13.79
CA ALA A 315 -43.66 16.28 14.81
C ALA A 315 -43.04 17.59 14.31
N CYS A 316 -42.53 17.59 13.08
CA CYS A 316 -41.93 18.82 12.55
C CYS A 316 -42.94 19.96 12.54
N GLY A 317 -44.20 19.68 12.22
CA GLY A 317 -45.21 20.73 12.23
C GLY A 317 -45.47 21.28 13.61
N SER A 318 -45.51 20.40 14.62
CA SER A 318 -45.72 20.82 16.00
C SER A 318 -44.53 21.61 16.51
N ILE A 319 -43.32 21.14 16.19
CA ILE A 319 -42.11 21.85 16.63
C ILE A 319 -42.13 23.28 16.11
N ARG A 320 -42.41 23.45 14.81
CA ARG A 320 -42.42 24.79 14.23
C ARG A 320 -43.47 25.67 14.88
N ALA A 321 -44.59 25.08 15.29
CA ALA A 321 -45.74 25.85 15.74
C ALA A 321 -45.69 26.23 17.21
N GLY A 322 -44.87 25.55 18.01
CA GLY A 322 -44.90 25.79 19.44
C GLY A 322 -43.61 25.56 20.20
N ALA A 323 -42.49 25.35 19.49
CA ALA A 323 -41.25 25.04 20.19
C ALA A 323 -40.01 25.67 19.54
N MET A 324 -40.19 26.71 18.72
CA MET A 324 -39.05 27.37 18.10
C MET A 324 -38.18 28.05 19.17
N PRO A 325 -36.90 28.28 18.86
CA PRO A 325 -36.02 28.95 19.82
C PRO A 325 -36.34 30.42 19.91
N ARG A 326 -35.69 31.07 20.88
CA ARG A 326 -35.69 32.53 20.95
C ARG A 326 -34.84 33.11 19.82
N GLU A 327 -34.80 34.44 19.75
CA GLU A 327 -34.21 35.13 18.61
C GLU A 327 -32.79 34.65 18.33
N GLY A 328 -31.91 34.73 19.35
CA GLY A 328 -30.52 34.39 19.15
C GLY A 328 -30.23 32.95 18.76
N GLY A 329 -31.00 32.01 19.27
CA GLY A 329 -30.69 30.61 19.09
C GLY A 329 -31.19 29.98 17.80
N TRP A 330 -30.42 29.02 17.29
CA TRP A 330 -30.79 28.28 16.09
C TRP A 330 -31.66 27.08 16.46
N ILE A 331 -32.21 26.44 15.44
CA ILE A 331 -32.94 25.18 15.60
C ILE A 331 -32.48 24.21 14.52
N ARG A 332 -32.28 22.95 14.91
CA ARG A 332 -31.90 21.90 13.99
C ARG A 332 -32.69 20.65 14.32
N VAL A 333 -33.08 19.93 13.27
CA VAL A 333 -33.95 18.76 13.39
C VAL A 333 -33.28 17.59 12.71
N ILE A 334 -32.99 16.55 13.49
CA ILE A 334 -32.41 15.32 12.98
C ILE A 334 -33.55 14.35 12.72
N ILE A 335 -33.54 13.74 11.53
CA ILE A 335 -34.55 12.78 11.13
C ILE A 335 -33.85 11.48 10.77
N GLU A 336 -34.48 10.37 11.12
CA GLU A 336 -33.91 9.04 11.02
C GLU A 336 -34.49 8.34 9.80
N LYS A 337 -33.74 7.37 9.29
CA LYS A 337 -34.23 6.53 8.21
C LYS A 337 -35.49 5.79 8.67
N PRO A 338 -36.39 5.43 7.75
CA PRO A 338 -36.34 5.54 6.29
C PRO A 338 -37.00 6.84 5.80
N PHE A 339 -36.52 7.43 4.72
CA PHE A 339 -37.20 8.56 4.09
C PHE A 339 -37.88 8.05 2.83
N GLY A 340 -39.10 7.53 3.01
CA GLY A 340 -39.86 6.96 1.92
C GLY A 340 -39.50 5.51 1.65
N HIS A 341 -40.25 4.91 0.72
CA HIS A 341 -39.96 3.57 0.23
C HIS A 341 -39.80 3.53 -1.28
N ASP A 342 -39.91 4.65 -1.96
CA ASP A 342 -39.64 4.80 -3.39
C ASP A 342 -39.62 6.30 -3.68
N THR A 343 -39.46 6.65 -4.96
CA THR A 343 -39.35 8.06 -5.33
C THR A 343 -40.60 8.84 -4.92
N GLU A 344 -41.78 8.30 -5.25
CA GLU A 344 -43.02 9.01 -4.97
C GLU A 344 -43.17 9.28 -3.48
N SER A 345 -43.15 8.21 -2.66
CA SER A 345 -43.37 8.38 -1.23
C SER A 345 -42.28 9.26 -0.61
N SER A 346 -41.03 9.10 -1.05
CA SER A 346 -39.95 9.92 -0.49
C SER A 346 -40.17 11.39 -0.80
N ALA A 347 -40.64 11.70 -2.01
CA ALA A 347 -40.85 13.10 -2.37
C ALA A 347 -41.96 13.73 -1.55
N GLU A 348 -43.00 12.96 -1.23
CA GLU A 348 -44.11 13.50 -0.44
C GLU A 348 -43.65 13.86 0.97
N LEU A 349 -42.83 13.00 1.58
CA LEU A 349 -42.34 13.30 2.93
C LEU A 349 -41.54 14.59 2.93
N SER A 350 -40.66 14.77 1.94
CA SER A 350 -39.90 16.02 1.86
C SER A 350 -40.83 17.21 1.60
N LYS A 351 -41.85 17.02 0.75
CA LYS A 351 -42.79 18.09 0.49
C LYS A 351 -43.63 18.43 1.71
N ALA A 352 -43.97 17.43 2.53
CA ALA A 352 -44.74 17.68 3.74
C ALA A 352 -43.92 18.46 4.77
N ILE A 353 -42.60 18.29 4.73
CA ILE A 353 -41.72 18.95 5.69
C ILE A 353 -41.23 20.32 5.22
N GLU A 354 -41.22 20.56 3.90
CA GLU A 354 -40.74 21.85 3.40
C GLU A 354 -41.39 23.05 4.07
N PRO A 355 -42.69 23.07 4.36
CA PRO A 355 -43.28 24.25 4.99
C PRO A 355 -42.73 24.55 6.37
N PHE A 356 -42.11 23.58 7.04
CA PHE A 356 -41.72 23.74 8.44
C PHE A 356 -40.25 24.08 8.63
N PHE A 357 -39.35 23.48 7.84
CA PHE A 357 -37.93 23.76 7.96
C PHE A 357 -37.28 23.64 6.59
N ASP A 358 -36.20 24.41 6.41
CA ASP A 358 -35.43 24.38 5.18
C ASP A 358 -34.20 23.47 5.35
N GLU A 359 -33.46 23.30 4.25
CA GLU A 359 -32.41 22.28 4.23
C GLU A 359 -31.33 22.57 5.26
N SER A 360 -30.97 23.83 5.46
CA SER A 360 -29.92 24.16 6.42
C SER A 360 -30.29 23.72 7.83
N GLN A 361 -31.59 23.48 8.09
CA GLN A 361 -32.08 23.10 9.41
C GLN A 361 -32.40 21.61 9.53
N ILE A 362 -32.36 20.87 8.42
CA ILE A 362 -32.71 19.45 8.42
C ILE A 362 -31.44 18.61 8.33
N TYR A 363 -31.39 17.56 9.15
CA TYR A 363 -30.23 16.67 9.23
C TYR A 363 -30.76 15.24 9.11
N ARG A 364 -30.74 14.71 7.89
CA ARG A 364 -31.21 13.36 7.61
C ARG A 364 -30.08 12.37 7.84
N ILE A 365 -30.36 11.32 8.60
CA ILE A 365 -29.32 10.38 9.01
C ILE A 365 -29.31 9.17 8.09
N ASP A 366 -28.16 8.93 7.49
CA ASP A 366 -27.71 7.62 7.02
C ASP A 366 -26.50 7.34 7.89
N HIS A 367 -26.61 6.36 8.80
CA HIS A 367 -25.56 6.23 9.82
C HIS A 367 -24.25 5.69 9.25
N TYR A 368 -24.24 5.17 8.03
CA TYR A 368 -22.97 4.77 7.43
C TYR A 368 -22.07 5.98 7.20
N LEU A 369 -22.65 7.16 6.95
CA LEU A 369 -21.85 8.38 6.81
C LEU A 369 -21.19 8.79 8.11
N GLY A 370 -21.52 8.14 9.22
CA GLY A 370 -20.83 8.36 10.48
C GLY A 370 -19.69 7.40 10.75
N LYS A 371 -19.52 6.40 9.92
CA LYS A 371 -18.44 5.42 10.10
C LYS A 371 -17.11 6.03 9.68
N GLU A 372 -16.05 5.60 10.39
CA GLU A 372 -14.73 6.16 10.14
C GLU A 372 -14.25 5.89 8.71
N MET A 373 -14.38 4.63 8.26
CA MET A 373 -13.85 4.28 6.94
C MET A 373 -14.64 4.94 5.82
N VAL A 374 -15.93 5.19 6.02
CA VAL A 374 -16.69 5.90 5.00
C VAL A 374 -16.24 7.35 4.92
N GLN A 375 -15.93 7.97 6.06
CA GLN A 375 -15.49 9.36 6.07
C GLN A 375 -14.09 9.50 5.50
N ASN A 376 -13.26 8.46 5.63
CA ASN A 376 -11.90 8.49 5.11
C ASN A 376 -11.82 8.26 3.60
N ILE A 377 -12.92 7.90 2.94
CA ILE A 377 -12.85 7.69 1.49
C ILE A 377 -12.41 8.97 0.79
N ILE A 378 -13.02 10.09 1.19
CA ILE A 378 -12.75 11.37 0.53
C ILE A 378 -11.28 11.74 0.66
N THR A 379 -10.74 11.58 1.88
CA THR A 379 -9.34 11.92 2.12
C THR A 379 -8.40 10.97 1.38
N THR A 380 -8.69 9.67 1.46
CA THR A 380 -7.89 8.70 0.73
C THR A 380 -7.81 9.05 -0.75
N ARG A 381 -8.95 9.41 -1.34
CA ARG A 381 -9.00 9.63 -2.77
C ARG A 381 -8.36 10.97 -3.16
N PHE A 382 -8.57 12.02 -2.39
CA PHE A 382 -8.29 13.37 -2.87
C PHE A 382 -7.15 14.07 -2.16
N ALA A 383 -6.55 13.48 -1.15
CA ALA A 383 -5.36 14.05 -0.53
C ALA A 383 -4.08 13.40 -1.03
N ASN A 384 -4.19 12.37 -1.87
CA ASN A 384 -3.06 11.53 -2.25
C ASN A 384 -2.97 11.43 -3.77
N ARG A 385 -1.83 11.84 -4.32
CA ARG A 385 -1.60 11.68 -5.75
C ARG A 385 -1.60 10.21 -6.13
N ILE A 386 -1.18 9.32 -5.23
CA ILE A 386 -1.13 7.91 -5.57
C ILE A 386 -2.52 7.41 -5.96
N PHE A 387 -3.52 7.72 -5.15
CA PHE A 387 -4.87 7.23 -5.44
C PHE A 387 -5.57 8.10 -6.48
N SER A 388 -5.29 9.40 -6.47
CA SER A 388 -5.92 10.31 -7.42
C SER A 388 -5.58 9.94 -8.86
N ALA A 389 -4.30 9.65 -9.13
CA ALA A 389 -3.89 9.31 -10.49
C ALA A 389 -4.44 7.99 -10.97
N LEU A 390 -4.84 7.09 -10.06
CA LEU A 390 -5.28 5.75 -10.45
C LEU A 390 -6.80 5.63 -10.59
N TRP A 391 -7.55 6.59 -10.09
CA TRP A 391 -8.97 6.39 -9.77
C TRP A 391 -9.87 6.71 -10.96
N ASN A 392 -9.71 5.93 -12.03
CA ASN A 392 -10.53 6.13 -13.21
C ASN A 392 -10.50 4.87 -14.05
N SER A 393 -11.29 4.86 -15.13
CA SER A 393 -11.45 3.68 -15.95
C SER A 393 -10.20 3.31 -16.75
N ASN A 394 -9.23 4.19 -16.89
CA ASN A 394 -8.00 3.77 -17.55
C ASN A 394 -7.31 2.67 -16.77
N ASN A 395 -7.56 2.58 -15.46
CA ASN A 395 -6.84 1.68 -14.58
C ASN A 395 -7.70 0.72 -13.79
N ILE A 396 -8.99 1.03 -13.61
CA ILE A 396 -9.88 0.21 -12.80
C ILE A 396 -10.71 -0.66 -13.73
N ALA A 397 -10.77 -1.95 -13.43
CA ALA A 397 -11.58 -2.89 -14.21
C ALA A 397 -12.97 -3.11 -13.62
N CYS A 398 -13.10 -3.03 -12.31
CA CYS A 398 -14.32 -3.45 -11.65
C CYS A 398 -14.31 -2.90 -10.23
N VAL A 399 -15.48 -2.49 -9.75
CA VAL A 399 -15.63 -1.99 -8.39
C VAL A 399 -16.77 -2.75 -7.73
N GLN A 400 -16.54 -3.19 -6.49
CA GLN A 400 -17.53 -3.95 -5.77
C GLN A 400 -17.70 -3.36 -4.38
N ILE A 401 -18.95 -3.26 -3.94
CA ILE A 401 -19.31 -2.75 -2.62
C ILE A 401 -20.22 -3.77 -1.96
N THR A 402 -19.82 -4.25 -0.79
CA THR A 402 -20.38 -5.47 -0.23
C THR A 402 -20.80 -5.30 1.22
N PHE A 403 -22.01 -5.77 1.53
CA PHE A 403 -22.53 -5.86 2.88
C PHE A 403 -22.89 -7.32 3.16
N LYS A 404 -22.33 -7.88 4.22
CA LYS A 404 -22.61 -9.26 4.61
C LYS A 404 -22.92 -9.35 6.09
N GLU A 405 -23.87 -10.21 6.45
CA GLU A 405 -24.22 -10.46 7.83
C GLU A 405 -24.48 -11.94 8.02
N THR A 406 -24.01 -12.48 9.16
CA THR A 406 -24.29 -13.88 9.47
C THR A 406 -25.69 -14.07 10.04
N ILE A 407 -26.23 -13.02 10.67
CA ILE A 407 -27.55 -13.11 11.29
C ILE A 407 -28.64 -12.96 10.24
N GLY A 408 -29.84 -13.40 10.59
CA GLY A 408 -31.02 -13.25 9.78
C GLY A 408 -31.92 -12.15 10.28
N THR A 409 -33.22 -12.29 10.02
CA THR A 409 -34.19 -11.34 10.53
C THR A 409 -34.42 -11.49 12.03
N GLU A 410 -34.05 -12.63 12.61
CA GLU A 410 -34.09 -12.86 14.05
C GLU A 410 -35.52 -12.72 14.58
N GLY A 411 -36.42 -13.51 14.00
CA GLY A 411 -37.79 -13.56 14.45
C GLY A 411 -38.64 -12.42 13.95
N ARG A 412 -38.07 -11.21 13.93
CA ARG A 412 -38.80 -10.02 13.52
C ARG A 412 -38.77 -9.85 12.00
N GLY A 413 -39.06 -10.92 11.26
CA GLY A 413 -39.10 -10.84 9.82
C GLY A 413 -40.30 -10.11 9.27
N GLY A 414 -41.36 -9.96 10.06
CA GLY A 414 -42.55 -9.27 9.57
C GLY A 414 -42.31 -7.81 9.24
N TYR A 415 -41.44 -7.15 10.01
CA TYR A 415 -41.09 -5.77 9.71
C TYR A 415 -40.13 -5.70 8.52
N PHE A 416 -39.26 -6.70 8.37
CA PHE A 416 -38.34 -6.73 7.23
C PHE A 416 -39.07 -7.02 5.92
N ASP A 417 -40.24 -7.67 5.98
CA ASP A 417 -40.88 -8.14 4.75
C ASP A 417 -41.32 -6.99 3.85
N SER A 418 -41.72 -5.86 4.43
CA SER A 418 -42.13 -4.72 3.65
C SER A 418 -40.95 -3.85 3.21
N ILE A 419 -39.75 -4.14 3.67
CA ILE A 419 -38.58 -3.32 3.39
C ILE A 419 -37.79 -3.97 2.24
N GLY A 420 -37.21 -5.12 2.51
CA GLY A 420 -36.35 -5.78 1.56
C GLY A 420 -34.90 -5.35 1.69
N ILE A 421 -34.01 -6.23 1.23
CA ILE A 421 -32.58 -5.98 1.42
C ILE A 421 -32.16 -4.72 0.67
N ILE A 422 -32.81 -4.41 -0.45
CA ILE A 422 -32.41 -3.27 -1.26
C ILE A 422 -32.69 -1.96 -0.52
N ARG A 423 -33.91 -1.83 -0.01
CA ARG A 423 -34.27 -0.63 0.76
C ARG A 423 -33.51 -0.56 2.07
N ASP A 424 -33.23 -1.72 2.68
CA ASP A 424 -32.68 -1.74 4.03
C ASP A 424 -31.24 -1.26 4.05
N VAL A 425 -30.47 -1.56 3.00
CA VAL A 425 -29.03 -1.38 3.07
C VAL A 425 -28.42 -0.83 1.77
N MET A 426 -29.05 -1.13 0.64
CA MET A 426 -28.45 -0.83 -0.65
C MET A 426 -28.83 0.55 -1.18
N GLN A 427 -30.12 0.88 -1.20
CA GLN A 427 -30.53 2.20 -1.65
C GLN A 427 -29.90 3.31 -0.82
N ASN A 428 -29.64 3.06 0.46
CA ASN A 428 -29.13 4.09 1.37
C ASN A 428 -27.64 3.91 1.64
N HIS A 429 -27.25 2.87 2.38
CA HIS A 429 -25.88 2.80 2.88
C HIS A 429 -24.90 2.59 1.74
N LEU A 430 -25.07 1.52 0.98
CA LEU A 430 -24.07 1.21 -0.05
C LEU A 430 -24.04 2.27 -1.14
N THR A 431 -25.18 2.91 -1.42
CA THR A 431 -25.22 3.97 -2.42
C THR A 431 -24.51 5.22 -1.93
N GLN A 432 -24.49 5.46 -0.62
CA GLN A 432 -23.66 6.53 -0.08
C GLN A 432 -22.18 6.21 -0.26
N ILE A 433 -21.78 4.97 0.03
CA ILE A 433 -20.40 4.57 -0.21
C ILE A 433 -20.06 4.75 -1.69
N LEU A 434 -20.94 4.28 -2.58
CA LEU A 434 -20.72 4.43 -4.01
C LEU A 434 -20.48 5.89 -4.38
N ALA A 435 -21.35 6.78 -3.92
CA ALA A 435 -21.23 8.18 -4.27
C ALA A 435 -19.88 8.74 -3.83
N LEU A 436 -19.43 8.39 -2.63
CA LEU A 436 -18.13 8.90 -2.18
C LEU A 436 -16.98 8.25 -2.95
N LEU A 437 -17.14 6.99 -3.35
CA LEU A 437 -16.08 6.31 -4.08
C LEU A 437 -15.93 6.81 -5.51
N ALA A 438 -17.01 7.30 -6.12
CA ALA A 438 -17.03 7.55 -7.55
C ALA A 438 -17.15 9.02 -7.91
N MET A 439 -17.44 9.88 -6.96
CA MET A 439 -17.69 11.27 -7.30
C MET A 439 -16.41 11.96 -7.78
N GLU A 440 -16.60 13.07 -8.46
CA GLU A 440 -15.52 13.97 -8.80
C GLU A 440 -15.01 14.70 -7.56
N LYS A 441 -13.85 15.32 -7.71
CA LYS A 441 -13.24 16.07 -6.63
C LYS A 441 -14.04 17.34 -6.37
N PRO A 442 -14.43 17.61 -5.12
CA PRO A 442 -15.16 18.85 -4.84
C PRO A 442 -14.25 20.07 -4.89
N ASN A 443 -14.84 21.21 -5.27
CA ASN A 443 -14.03 22.41 -5.42
C ASN A 443 -13.40 22.82 -4.08
N SER A 444 -14.10 22.61 -2.98
CA SER A 444 -13.55 22.82 -1.64
C SER A 444 -14.07 21.72 -0.73
N LEU A 445 -13.59 21.70 0.51
CA LEU A 445 -14.07 20.74 1.49
C LEU A 445 -15.28 21.26 2.27
N ASP A 446 -15.98 22.25 1.73
CA ASP A 446 -17.26 22.68 2.28
C ASP A 446 -18.32 21.58 2.13
N ALA A 447 -19.22 21.53 3.10
CA ALA A 447 -20.28 20.52 3.11
C ALA A 447 -21.07 20.50 1.80
N GLU A 448 -21.46 21.67 1.29
CA GLU A 448 -22.33 21.67 0.13
C GLU A 448 -21.59 21.31 -1.15
N ARG A 449 -20.29 21.61 -1.24
CA ARG A 449 -19.55 21.19 -2.43
C ARG A 449 -19.42 19.68 -2.48
N ILE A 450 -19.24 19.04 -1.32
CA ILE A 450 -19.16 17.59 -1.29
C ILE A 450 -20.49 16.96 -1.68
N ARG A 451 -21.58 17.44 -1.07
CA ARG A 451 -22.91 16.90 -1.39
C ARG A 451 -23.27 17.19 -2.84
N ASP A 452 -22.87 18.37 -3.35
CA ASP A 452 -23.08 18.66 -4.78
C ASP A 452 -22.47 17.56 -5.65
N GLU A 453 -21.23 17.16 -5.35
CA GLU A 453 -20.58 16.18 -6.22
C GLU A 453 -21.20 14.81 -6.08
N LYS A 454 -21.66 14.43 -4.89
CA LYS A 454 -22.36 13.16 -4.77
C LYS A 454 -23.62 13.17 -5.61
N VAL A 455 -24.38 14.25 -5.55
CA VAL A 455 -25.61 14.35 -6.33
C VAL A 455 -25.28 14.23 -7.83
N SER A 456 -24.27 14.96 -8.28
CA SER A 456 -23.92 14.96 -9.70
C SER A 456 -23.46 13.59 -10.17
N LEU A 457 -22.81 12.82 -9.29
CA LEU A 457 -22.47 11.45 -9.67
C LEU A 457 -23.74 10.62 -9.80
N LEU A 458 -24.60 10.63 -8.78
CA LEU A 458 -25.77 9.77 -8.83
C LEU A 458 -26.60 10.04 -10.08
N LYS A 459 -26.61 11.28 -10.56
CA LYS A 459 -27.35 11.59 -11.77
C LYS A 459 -26.74 10.95 -13.01
N CYS A 460 -25.55 10.35 -12.91
CA CYS A 460 -24.92 9.65 -14.03
C CYS A 460 -25.29 8.18 -14.14
N ILE A 461 -26.13 7.69 -13.24
CA ILE A 461 -26.43 6.26 -13.12
C ILE A 461 -27.83 6.01 -13.65
N ALA A 462 -27.95 5.18 -14.67
CA ALA A 462 -29.27 4.84 -15.17
C ALA A 462 -29.99 3.90 -14.20
N PRO A 463 -31.32 3.91 -14.19
CA PRO A 463 -32.05 2.99 -13.31
C PRO A 463 -31.66 1.54 -13.60
N ILE A 464 -31.59 0.75 -12.53
CA ILE A 464 -31.17 -0.64 -12.62
C ILE A 464 -32.32 -1.46 -13.19
N GLY A 465 -32.08 -2.16 -14.30
CA GLY A 465 -33.09 -3.03 -14.85
C GLY A 465 -33.07 -4.39 -14.21
N LYS A 466 -34.16 -5.14 -14.38
CA LYS A 466 -34.24 -6.45 -13.75
C LYS A 466 -33.27 -7.46 -14.35
N ASP A 467 -32.66 -7.14 -15.49
CA ASP A 467 -31.58 -7.97 -16.01
C ASP A 467 -30.26 -7.69 -15.31
N ASP A 468 -30.19 -6.64 -14.48
CA ASP A 468 -28.96 -6.25 -13.79
C ASP A 468 -29.01 -6.61 -12.31
N CYS A 469 -29.75 -7.64 -11.94
CA CYS A 469 -29.81 -8.04 -10.54
C CYS A 469 -30.04 -9.54 -10.41
N VAL A 470 -29.60 -10.08 -9.27
CA VAL A 470 -29.90 -11.44 -8.84
C VAL A 470 -30.37 -11.37 -7.40
N LEU A 471 -31.53 -11.95 -7.11
CA LEU A 471 -32.15 -11.88 -5.79
C LEU A 471 -32.13 -13.25 -5.10
N GLY A 472 -32.08 -13.23 -3.77
CA GLY A 472 -32.09 -14.44 -2.99
C GLY A 472 -32.92 -14.29 -1.72
N GLN A 473 -33.31 -15.44 -1.17
CA GLN A 473 -34.09 -15.50 0.06
C GLN A 473 -33.63 -16.71 0.85
N TYR A 474 -33.18 -16.50 2.09
CA TYR A 474 -32.50 -17.56 2.79
C TYR A 474 -33.48 -18.53 3.44
N THR A 475 -33.08 -19.80 3.46
CA THR A 475 -33.84 -20.88 4.07
C THR A 475 -33.05 -21.46 5.24
N ALA A 476 -33.56 -22.54 5.81
CA ALA A 476 -32.94 -23.16 6.97
C ALA A 476 -31.46 -23.45 6.69
N SER A 477 -30.66 -23.39 7.75
CA SER A 477 -29.22 -23.41 7.62
C SER A 477 -28.64 -24.79 7.37
N ALA A 478 -29.47 -25.83 7.23
CA ALA A 478 -29.02 -27.18 6.96
C ALA A 478 -28.42 -27.84 8.21
N ASP A 479 -27.78 -27.04 9.06
CA ASP A 479 -27.35 -27.52 10.37
C ASP A 479 -28.43 -27.36 11.44
N GLY A 480 -29.50 -26.63 11.14
CA GLY A 480 -30.54 -26.36 12.11
C GLY A 480 -30.28 -25.19 13.02
N SER A 481 -29.04 -24.68 13.05
CA SER A 481 -28.71 -23.59 13.95
C SER A 481 -29.57 -22.36 13.66
N ILE A 482 -29.62 -21.94 12.41
CA ILE A 482 -30.36 -20.76 11.97
C ILE A 482 -31.61 -21.23 11.22
N PRO A 483 -32.80 -20.84 11.65
CA PRO A 483 -34.01 -21.27 10.93
C PRO A 483 -34.21 -20.52 9.63
N GLY A 484 -35.08 -21.09 8.80
CA GLY A 484 -35.38 -20.46 7.52
C GLY A 484 -36.10 -19.14 7.68
N TYR A 485 -36.08 -18.34 6.60
CA TYR A 485 -36.72 -17.03 6.65
C TYR A 485 -38.23 -17.14 6.65
N LEU A 486 -38.79 -18.02 5.80
CA LEU A 486 -40.24 -18.22 5.74
C LEU A 486 -40.76 -18.99 6.93
N GLU A 487 -39.89 -19.58 7.75
CA GLU A 487 -40.33 -20.31 8.94
C GLU A 487 -40.70 -19.39 10.09
N ASP A 488 -40.50 -18.09 9.95
CA ASP A 488 -40.97 -17.12 10.94
C ASP A 488 -42.47 -16.89 10.75
N GLU A 489 -43.22 -17.00 11.84
CA GLU A 489 -44.67 -16.83 11.77
C GLU A 489 -45.07 -15.39 11.46
N THR A 490 -44.16 -14.43 11.67
CA THR A 490 -44.44 -13.05 11.31
C THR A 490 -44.40 -12.81 9.81
N VAL A 491 -43.75 -13.69 9.05
CA VAL A 491 -43.51 -13.48 7.62
C VAL A 491 -44.71 -14.02 6.85
N PRO A 492 -45.39 -13.21 6.05
CA PRO A 492 -46.50 -13.73 5.23
C PRO A 492 -46.05 -14.85 4.30
N LYS A 493 -46.93 -15.81 4.10
CA LYS A 493 -46.64 -16.90 3.18
C LYS A 493 -46.73 -16.41 1.74
N GLY A 494 -45.94 -17.04 0.87
CA GLY A 494 -45.81 -16.56 -0.49
C GLY A 494 -44.96 -15.31 -0.64
N SER A 495 -44.24 -14.92 0.40
CA SER A 495 -43.46 -13.70 0.35
C SER A 495 -42.38 -13.80 -0.72
N THR A 496 -42.29 -12.75 -1.56
CA THR A 496 -41.23 -12.60 -2.54
C THR A 496 -40.16 -11.62 -2.08
N CYS A 497 -40.07 -11.36 -0.77
CA CYS A 497 -39.15 -10.36 -0.27
C CYS A 497 -37.72 -10.88 -0.33
N PRO A 498 -36.79 -10.13 -0.90
CA PRO A 498 -35.40 -10.62 -0.98
C PRO A 498 -34.60 -10.32 0.27
N THR A 499 -33.87 -11.31 0.76
CA THR A 499 -32.89 -11.12 1.82
C THR A 499 -31.46 -11.03 1.28
N PHE A 500 -31.29 -11.16 -0.03
CA PHE A 500 -29.98 -11.16 -0.70
C PHE A 500 -30.16 -10.47 -2.03
N ALA A 501 -29.14 -9.70 -2.44
CA ALA A 501 -29.22 -9.03 -3.74
C ALA A 501 -27.82 -8.68 -4.22
N VAL A 502 -27.59 -8.91 -5.51
CA VAL A 502 -26.43 -8.39 -6.22
C VAL A 502 -26.96 -7.53 -7.36
N LEU A 503 -26.45 -6.30 -7.45
CA LEU A 503 -26.91 -5.34 -8.44
C LEU A 503 -25.72 -4.84 -9.25
N ARG A 504 -25.93 -4.64 -10.55
CA ARG A 504 -24.92 -4.05 -11.42
C ARG A 504 -25.38 -2.66 -11.84
N LEU A 505 -24.53 -1.66 -11.57
CA LEU A 505 -24.80 -0.27 -11.92
C LEU A 505 -23.83 0.17 -13.01
N HIS A 506 -24.32 1.05 -13.89
CA HIS A 506 -23.51 1.63 -14.95
C HIS A 506 -23.41 3.13 -14.70
N ILE A 507 -22.19 3.63 -14.56
CA ILE A 507 -21.97 5.06 -14.34
C ILE A 507 -21.55 5.69 -15.66
N ASN A 508 -22.45 6.47 -16.25
CA ASN A 508 -22.21 7.09 -17.55
C ASN A 508 -21.56 8.46 -17.35
N ASN A 509 -20.25 8.44 -17.17
CA ASN A 509 -19.46 9.66 -17.26
C ASN A 509 -18.03 9.28 -17.64
N ASP A 510 -17.17 10.29 -17.80
CA ASP A 510 -15.89 10.05 -18.43
C ASP A 510 -14.96 9.27 -17.52
N ARG A 511 -15.12 9.40 -16.20
CA ARG A 511 -14.23 8.69 -15.30
C ARG A 511 -14.54 7.19 -15.28
N TRP A 512 -15.82 6.81 -15.46
CA TRP A 512 -16.25 5.46 -15.16
C TRP A 512 -16.93 4.73 -16.31
N ALA A 513 -17.05 5.33 -17.49
CA ALA A 513 -17.68 4.66 -18.62
C ALA A 513 -17.07 3.28 -18.81
N GLY A 514 -17.93 2.26 -18.81
CA GLY A 514 -17.50 0.89 -19.02
C GLY A 514 -17.13 0.12 -17.77
N VAL A 515 -16.92 0.79 -16.64
CA VAL A 515 -16.52 0.12 -15.41
C VAL A 515 -17.74 -0.43 -14.67
N PRO A 516 -17.84 -1.75 -14.48
CA PRO A 516 -18.97 -2.27 -13.71
C PRO A 516 -18.84 -1.93 -12.23
N PHE A 517 -19.95 -1.52 -11.64
CA PHE A 517 -20.04 -1.36 -10.20
C PHE A 517 -21.03 -2.40 -9.67
N ILE A 518 -20.58 -3.21 -8.71
CA ILE A 518 -21.40 -4.27 -8.15
C ILE A 518 -21.75 -3.86 -6.72
N LEU A 519 -23.04 -3.84 -6.41
CA LEU A 519 -23.52 -3.71 -5.04
C LEU A 519 -24.04 -5.07 -4.58
N LYS A 520 -23.49 -5.58 -3.50
CA LYS A 520 -23.90 -6.86 -2.93
C LYS A 520 -24.32 -6.66 -1.49
N ALA A 521 -25.44 -7.26 -1.12
CA ALA A 521 -25.92 -7.20 0.27
C ALA A 521 -26.71 -8.46 0.55
N GLY A 522 -26.40 -9.12 1.66
CA GLY A 522 -27.10 -10.34 2.01
C GLY A 522 -27.11 -10.62 3.51
N LYS A 523 -28.26 -11.02 4.01
CA LYS A 523 -28.41 -11.47 5.40
C LYS A 523 -28.32 -12.99 5.45
N ALA A 524 -27.81 -13.51 6.57
CA ALA A 524 -27.71 -14.93 6.82
C ALA A 524 -26.79 -15.63 5.80
N VAL A 525 -25.60 -15.04 5.60
CA VAL A 525 -24.60 -15.59 4.71
C VAL A 525 -23.38 -16.03 5.52
N GLU A 526 -22.24 -16.23 4.85
CA GLU A 526 -21.15 -16.98 5.47
C GLU A 526 -20.36 -16.17 6.48
N GLN A 527 -20.35 -14.85 6.38
CA GLN A 527 -19.55 -14.04 7.30
C GLN A 527 -20.14 -12.64 7.43
N LYS A 528 -19.69 -11.95 8.48
CA LYS A 528 -20.04 -10.56 8.73
C LYS A 528 -18.94 -9.68 8.16
N TYR A 529 -19.30 -8.78 7.26
CA TYR A 529 -18.33 -8.17 6.34
C TYR A 529 -18.95 -6.96 5.66
N VAL A 530 -18.28 -5.81 5.74
CA VAL A 530 -18.58 -4.64 4.94
C VAL A 530 -17.26 -4.16 4.34
N ALA A 531 -17.18 -4.13 3.02
CA ALA A 531 -15.92 -3.79 2.39
C ALA A 531 -16.13 -3.26 0.98
N ILE A 532 -15.10 -2.60 0.49
CA ILE A 532 -14.98 -2.10 -0.87
C ILE A 532 -13.81 -2.83 -1.53
N ARG A 533 -14.00 -3.26 -2.77
CA ARG A 533 -12.95 -3.92 -3.53
C ARG A 533 -12.83 -3.27 -4.90
N ILE A 534 -11.70 -2.63 -5.16
CA ILE A 534 -11.41 -2.00 -6.44
C ILE A 534 -10.42 -2.91 -7.16
N GLN A 535 -10.84 -3.52 -8.25
CA GLN A 535 -9.98 -4.40 -9.03
C GLN A 535 -9.39 -3.62 -10.20
N PHE A 536 -8.07 -3.62 -10.29
CA PHE A 536 -7.39 -2.88 -11.35
C PHE A 536 -7.20 -3.76 -12.59
N LYS A 537 -6.87 -3.11 -13.70
CA LYS A 537 -6.64 -3.83 -14.94
C LYS A 537 -5.32 -4.59 -14.87
N ASP A 538 -5.26 -5.68 -15.63
CA ASP A 538 -4.00 -6.39 -15.77
C ASP A 538 -2.95 -5.48 -16.38
N GLU A 539 -1.71 -5.63 -15.91
CA GLU A 539 -0.54 -5.19 -16.67
C GLU A 539 -0.19 -6.39 -17.55
N ILE A 540 -0.51 -6.28 -18.85
CA ILE A 540 -0.48 -7.47 -19.71
C ILE A 540 0.96 -7.92 -19.97
N ARG A 541 1.84 -6.98 -20.33
CA ARG A 541 3.23 -7.28 -20.60
C ARG A 541 4.13 -6.60 -19.58
N PRO A 542 5.28 -7.19 -19.25
CA PRO A 542 5.87 -8.41 -19.85
C PRO A 542 5.61 -9.73 -19.12
N TYR A 543 4.82 -9.72 -18.06
CA TYR A 543 4.60 -10.90 -17.23
C TYR A 543 3.41 -11.75 -17.65
N GLY A 544 2.42 -11.17 -18.31
CA GLY A 544 1.29 -11.98 -18.75
C GLY A 544 0.62 -12.73 -17.60
N ASP A 545 0.53 -14.05 -17.78
CA ASP A 545 -0.08 -14.97 -16.82
C ASP A 545 0.65 -15.06 -15.50
N ALA A 546 1.91 -14.61 -15.43
CA ALA A 546 2.64 -14.62 -14.17
C ALA A 546 2.24 -13.44 -13.28
N ALA A 547 1.34 -12.58 -13.73
CA ALA A 547 0.85 -11.48 -12.91
C ALA A 547 -0.65 -11.66 -12.70
N GLN A 548 -1.18 -10.87 -11.77
CA GLN A 548 -2.62 -10.82 -11.53
C GLN A 548 -3.04 -9.39 -11.27
N ARG A 549 -4.33 -9.13 -11.49
CA ARG A 549 -4.88 -7.81 -11.27
C ARG A 549 -4.60 -7.34 -9.85
N ASN A 550 -4.03 -6.14 -9.71
CA ASN A 550 -3.96 -5.49 -8.42
C ASN A 550 -5.37 -5.22 -7.87
N GLU A 551 -5.46 -5.05 -6.55
CA GLU A 551 -6.72 -4.71 -5.92
C GLU A 551 -6.45 -3.70 -4.80
N LEU A 552 -7.41 -2.81 -4.59
CA LEU A 552 -7.47 -1.97 -3.40
C LEU A 552 -8.70 -2.43 -2.61
N VAL A 553 -8.50 -2.80 -1.36
CA VAL A 553 -9.58 -3.24 -0.48
C VAL A 553 -9.66 -2.26 0.69
N ILE A 554 -10.86 -1.78 0.97
CA ILE A 554 -11.17 -0.95 2.12
C ILE A 554 -12.25 -1.67 2.89
N ARG A 555 -11.94 -2.16 4.08
CA ARG A 555 -12.89 -2.93 4.88
C ARG A 555 -13.31 -2.13 6.11
N ALA A 556 -14.60 -2.12 6.39
CA ALA A 556 -15.15 -1.49 7.58
C ALA A 556 -15.45 -2.50 8.69
N GLN A 557 -16.06 -3.63 8.34
CA GLN A 557 -16.46 -4.65 9.30
C GLN A 557 -15.98 -6.02 8.84
N PRO A 558 -15.59 -6.91 9.77
CA PRO A 558 -15.66 -6.77 11.24
C PRO A 558 -14.54 -5.87 11.78
N SER A 559 -13.42 -5.82 11.07
CA SER A 559 -12.25 -5.07 11.48
C SER A 559 -11.84 -4.11 10.37
N GLU A 560 -11.51 -2.89 10.75
CA GLU A 560 -11.14 -1.88 9.77
C GLU A 560 -9.79 -2.22 9.15
N ALA A 561 -9.66 -1.94 7.86
CA ALA A 561 -8.42 -2.26 7.15
C ALA A 561 -8.46 -1.63 5.77
N MET A 562 -7.27 -1.32 5.26
CA MET A 562 -7.08 -0.94 3.87
C MET A 562 -5.79 -1.60 3.39
N TYR A 563 -5.84 -2.23 2.21
CA TYR A 563 -4.63 -2.86 1.68
C TYR A 563 -4.66 -2.95 0.17
N MET A 564 -3.47 -3.01 -0.41
CA MET A 564 -3.27 -3.18 -1.84
C MET A 564 -2.73 -4.58 -2.10
N LYS A 565 -3.36 -5.29 -3.03
CA LYS A 565 -2.85 -6.57 -3.51
C LYS A 565 -1.97 -6.31 -4.73
N ILE A 566 -0.72 -6.79 -4.67
CA ILE A 566 0.24 -6.58 -5.74
C ILE A 566 0.99 -7.88 -6.01
N THR A 567 1.65 -7.90 -7.17
CA THR A 567 2.50 -9.00 -7.58
C THR A 567 3.95 -8.64 -7.28
N THR A 568 4.65 -9.54 -6.60
CA THR A 568 6.05 -9.35 -6.26
C THR A 568 6.81 -10.61 -6.68
N LYS A 569 8.12 -10.47 -6.86
CA LYS A 569 8.91 -11.63 -7.21
C LYS A 569 8.88 -12.62 -6.05
N MET A 570 8.88 -13.90 -6.38
CA MET A 570 8.90 -14.94 -5.37
C MET A 570 10.19 -14.84 -4.57
N PRO A 571 10.13 -14.70 -3.24
CA PRO A 571 11.37 -14.64 -2.47
C PRO A 571 12.22 -15.89 -2.66
N GLY A 572 13.53 -15.72 -2.57
CA GLY A 572 14.44 -16.83 -2.69
C GLY A 572 15.02 -16.94 -4.09
N LEU A 573 15.65 -18.09 -4.33
CA LEU A 573 16.35 -18.37 -5.59
C LEU A 573 15.36 -18.95 -6.59
N ASN A 574 15.10 -18.21 -7.67
CA ASN A 574 14.15 -18.65 -8.68
C ASN A 574 14.84 -19.12 -9.95
N ASP A 576 13.61 -18.30 -12.85
CA ASP A 576 13.36 -17.21 -13.79
C ASP A 576 12.52 -16.12 -13.13
N LEU A 577 12.44 -14.95 -13.78
CA LEU A 577 11.69 -13.83 -13.23
C LEU A 577 10.19 -14.07 -13.20
N ARG A 578 9.70 -15.12 -13.88
CA ARG A 578 8.27 -15.37 -13.95
C ARG A 578 7.73 -16.08 -12.71
N GLU A 579 8.58 -16.40 -11.73
CA GLU A 579 8.11 -16.98 -10.48
C GLU A 579 7.72 -15.83 -9.57
N THR A 580 6.43 -15.67 -9.34
CA THR A 580 5.90 -14.52 -8.63
C THR A 580 4.94 -15.03 -7.56
N HIS A 581 4.54 -14.12 -6.68
CA HIS A 581 3.47 -14.43 -5.74
C HIS A 581 2.74 -13.14 -5.43
N GLN A 582 1.52 -13.30 -4.92
CA GLN A 582 0.70 -12.17 -4.52
C GLN A 582 1.02 -11.80 -3.09
N THR A 583 1.15 -10.49 -2.84
CA THR A 583 1.43 -9.97 -1.51
C THR A 583 0.62 -8.68 -1.34
N GLU A 584 0.76 -8.08 -0.15
CA GLU A 584 -0.11 -6.99 0.27
C GLU A 584 0.68 -5.86 0.90
N LEU A 585 0.24 -4.63 0.64
CA LEU A 585 0.62 -3.46 1.42
C LEU A 585 -0.55 -3.16 2.34
N ASP A 586 -0.33 -3.28 3.66
CA ASP A 586 -1.40 -3.16 4.66
C ASP A 586 -1.32 -1.82 5.38
N LEU A 587 -2.45 -1.13 5.48
CA LEU A 587 -2.49 0.11 6.25
C LEU A 587 -2.11 -0.16 7.70
N THR A 588 -1.29 0.74 8.24
CA THR A 588 -0.72 0.59 9.58
C THR A 588 -1.43 1.48 10.60
N PRO A 598 -15.39 4.82 18.37
CA PRO A 598 -16.38 5.90 18.23
C PRO A 598 -17.60 5.49 17.42
N ASP A 599 -18.77 5.46 18.07
CA ASP A 599 -20.03 5.14 17.40
C ASP A 599 -20.27 6.10 16.24
N ALA A 600 -21.10 5.65 15.30
CA ALA A 600 -21.44 6.52 14.18
C ALA A 600 -22.39 7.62 14.61
N TYR A 601 -23.37 7.31 15.46
CA TYR A 601 -24.30 8.33 15.91
C TYR A 601 -23.60 9.38 16.78
N GLU A 602 -22.56 8.96 17.51
CA GLU A 602 -21.73 9.90 18.25
C GLU A 602 -21.11 10.93 17.32
N SER A 603 -20.55 10.48 16.19
CA SER A 603 -19.94 11.39 15.23
C SER A 603 -20.98 12.29 14.57
N LEU A 604 -22.14 11.73 14.21
CA LEU A 604 -23.16 12.51 13.53
C LEU A 604 -23.81 13.53 14.46
N ILE A 605 -24.11 13.13 15.70
CA ILE A 605 -24.70 14.08 16.65
C ILE A 605 -23.73 15.22 16.91
N SER A 606 -22.45 14.90 17.10
CA SER A 606 -21.46 15.96 17.27
C SER A 606 -21.48 16.92 16.09
N ASP A 607 -21.53 16.39 14.86
CA ASP A 607 -21.57 17.24 13.68
C ASP A 607 -22.83 18.10 13.68
N ALA A 608 -23.98 17.50 13.99
CA ALA A 608 -25.21 18.28 14.03
C ALA A 608 -25.09 19.44 15.01
N LEU A 609 -24.52 19.18 16.20
CA LEU A 609 -24.40 20.24 17.21
C LEU A 609 -23.53 21.39 16.71
N ARG A 610 -22.59 21.11 15.81
CA ARG A 610 -21.72 22.15 15.26
C ARG A 610 -22.25 22.76 13.96
N GLY A 611 -23.31 22.22 13.37
CA GLY A 611 -23.82 22.76 12.12
C GLY A 611 -23.11 22.27 10.87
N ASN A 612 -22.46 21.11 10.93
CA ASN A 612 -21.73 20.53 9.81
C ASN A 612 -22.59 19.42 9.20
N SER A 613 -23.16 19.70 8.02
CA SER A 613 -24.09 18.80 7.37
C SER A 613 -23.43 17.97 6.26
N THR A 614 -22.10 17.90 6.24
CA THR A 614 -21.40 17.12 5.23
C THR A 614 -21.87 15.66 5.22
N ASN A 615 -21.97 15.05 6.40
CA ASN A 615 -22.30 13.64 6.52
C ASN A 615 -23.79 13.40 6.74
N PHE A 616 -24.65 14.23 6.14
CA PHE A 616 -26.10 14.11 6.25
C PHE A 616 -26.69 14.23 4.86
N VAL A 617 -27.79 13.53 4.63
CA VAL A 617 -28.32 13.34 3.28
C VAL A 617 -29.15 14.56 2.88
N ARG A 618 -28.73 15.25 1.83
CA ARG A 618 -29.44 16.41 1.32
C ARG A 618 -30.65 15.98 0.52
N LYS A 619 -31.61 16.90 0.39
CA LYS A 619 -32.91 16.55 -0.18
C LYS A 619 -32.77 16.06 -1.62
N ASP A 620 -32.01 16.78 -2.44
CA ASP A 620 -31.83 16.37 -3.83
C ASP A 620 -31.10 15.04 -3.92
N GLU A 621 -30.13 14.83 -3.03
CA GLU A 621 -29.41 13.56 -2.97
C GLU A 621 -30.37 12.40 -2.74
N LEU A 622 -31.39 12.59 -1.91
CA LEU A 622 -32.32 11.50 -1.63
C LEU A 622 -33.10 11.11 -2.88
N ASP A 623 -33.54 12.09 -3.67
CA ASP A 623 -34.38 11.78 -4.82
C ASP A 623 -33.60 11.09 -5.93
N VAL A 624 -32.37 11.53 -6.18
CA VAL A 624 -31.57 10.88 -7.22
C VAL A 624 -31.32 9.43 -6.87
N ALA A 625 -31.03 9.16 -5.59
CA ALA A 625 -30.77 7.78 -5.16
C ALA A 625 -32.01 6.91 -5.32
N TRP A 626 -33.21 7.45 -5.03
CA TRP A 626 -34.42 6.64 -5.15
C TRP A 626 -34.71 6.30 -6.60
N ARG A 627 -34.43 7.22 -7.52
CA ARG A 627 -34.72 6.98 -8.92
C ARG A 627 -33.85 5.88 -9.50
N ILE A 628 -32.70 5.58 -8.88
CA ILE A 628 -31.89 4.48 -9.37
C ILE A 628 -32.57 3.14 -9.09
N PHE A 629 -33.22 3.01 -7.93
CA PHE A 629 -33.70 1.72 -7.47
C PHE A 629 -35.21 1.53 -7.61
N THR A 630 -35.98 2.60 -7.76
CA THR A 630 -37.43 2.46 -7.69
C THR A 630 -38.01 1.61 -8.82
N PRO A 631 -37.58 1.72 -10.08
CA PRO A 631 -38.17 0.85 -11.12
C PRO A 631 -37.99 -0.63 -10.81
N LEU A 632 -36.80 -1.03 -10.36
CA LEU A 632 -36.60 -2.42 -9.97
C LEU A 632 -37.44 -2.79 -8.76
N LEU A 633 -37.54 -1.89 -7.78
CA LEU A 633 -38.32 -2.19 -6.59
C LEU A 633 -39.78 -2.42 -6.93
N HIS A 634 -40.33 -1.66 -7.88
CA HIS A 634 -41.72 -1.87 -8.29
C HIS A 634 -41.88 -3.20 -9.01
N GLN A 635 -40.88 -3.58 -9.82
CA GLN A 635 -40.93 -4.89 -10.48
C GLN A 635 -40.92 -6.00 -9.43
N ILE A 636 -40.14 -5.83 -8.37
CA ILE A 636 -40.07 -6.86 -7.33
C ILE A 636 -41.39 -6.95 -6.58
N ASP A 637 -41.96 -5.80 -6.21
CA ASP A 637 -43.23 -5.82 -5.48
C ASP A 637 -44.33 -6.45 -6.32
N LYS A 638 -44.29 -6.26 -7.64
CA LYS A 638 -45.28 -6.86 -8.53
C LYS A 638 -44.98 -8.32 -8.85
N GLY A 639 -43.90 -8.87 -8.33
CA GLY A 639 -43.58 -10.27 -8.53
C GLY A 639 -42.83 -10.59 -9.80
N GLU A 640 -42.42 -9.58 -10.57
CA GLU A 640 -41.71 -9.84 -11.81
C GLU A 640 -40.30 -10.40 -11.61
N VAL A 641 -39.77 -10.35 -10.39
CA VAL A 641 -38.43 -10.85 -10.09
C VAL A 641 -38.54 -11.72 -8.84
N LYS A 642 -38.40 -13.04 -9.03
CA LYS A 642 -38.58 -14.02 -7.96
C LYS A 642 -37.23 -14.34 -7.30
N PRO A 643 -37.12 -14.21 -5.99
CA PRO A 643 -35.82 -14.50 -5.35
C PRO A 643 -35.48 -15.97 -5.43
N ILE A 644 -34.19 -16.26 -5.37
CA ILE A 644 -33.66 -17.62 -5.44
C ILE A 644 -33.41 -18.12 -4.03
N PRO A 645 -33.95 -19.28 -3.64
CA PRO A 645 -33.64 -19.81 -2.32
C PRO A 645 -32.14 -20.05 -2.16
N TYR A 646 -31.63 -19.80 -0.95
CA TYR A 646 -30.26 -20.17 -0.61
C TYR A 646 -30.21 -20.52 0.87
N GLN A 647 -29.41 -21.54 1.21
CA GLN A 647 -29.30 -21.98 2.58
C GLN A 647 -28.64 -20.92 3.45
N ALA A 648 -29.20 -20.69 4.63
CA ALA A 648 -28.57 -19.78 5.58
C ALA A 648 -27.17 -20.29 5.91
N GLY A 649 -26.20 -19.36 5.91
CA GLY A 649 -24.83 -19.70 6.23
C GLY A 649 -23.94 -19.97 5.03
N THR A 650 -24.52 -20.15 3.85
CA THR A 650 -23.74 -20.29 2.63
C THR A 650 -23.39 -18.90 2.10
N ARG A 651 -22.84 -18.84 0.89
CA ARG A 651 -22.51 -17.56 0.27
C ARG A 651 -23.72 -16.86 -0.33
N GLY A 652 -24.76 -17.62 -0.66
CA GLY A 652 -25.89 -17.08 -1.39
C GLY A 652 -26.15 -17.88 -2.65
N PRO A 653 -27.08 -17.40 -3.47
CA PRO A 653 -27.36 -18.10 -4.74
C PRO A 653 -26.12 -18.20 -5.60
N LYS A 654 -25.94 -19.38 -6.22
CA LYS A 654 -24.85 -19.54 -7.18
C LYS A 654 -25.00 -18.57 -8.35
N GLU A 655 -26.23 -18.27 -8.74
CA GLU A 655 -26.46 -17.34 -9.85
C GLU A 655 -25.82 -15.99 -9.58
N ALA A 656 -25.73 -15.58 -8.32
CA ALA A 656 -25.14 -14.28 -8.00
C ALA A 656 -23.63 -14.30 -8.26
N ASP A 657 -22.97 -15.41 -7.91
CA ASP A 657 -21.52 -15.50 -8.12
C ASP A 657 -21.18 -15.54 -9.62
N ASP A 658 -22.02 -16.19 -10.43
CA ASP A 658 -21.81 -16.18 -11.87
C ASP A 658 -22.14 -14.81 -12.46
N PHE A 659 -23.17 -14.16 -11.93
CA PHE A 659 -23.49 -12.80 -12.36
C PHE A 659 -22.29 -11.88 -12.19
N ILE A 660 -21.54 -12.07 -11.10
CA ILE A 660 -20.38 -11.20 -10.83
C ILE A 660 -19.23 -11.52 -11.79
N LEU A 661 -19.02 -12.79 -12.12
CA LEU A 661 -17.96 -13.14 -13.06
C LEU A 661 -18.25 -12.58 -14.45
N ASN A 662 -19.50 -12.70 -14.90
CA ASN A 662 -19.88 -12.15 -16.20
C ASN A 662 -19.83 -10.63 -16.21
N SER A 663 -19.77 -9.98 -15.05
CA SER A 663 -19.69 -8.53 -15.02
C SER A 663 -18.29 -8.00 -15.29
N GLY A 664 -17.27 -8.84 -15.18
CA GLY A 664 -15.89 -8.41 -15.37
C GLY A 664 -14.99 -8.61 -14.17
N PHE A 665 -15.49 -9.19 -13.08
CA PHE A 665 -14.66 -9.51 -11.94
C PHE A 665 -13.91 -10.82 -12.16
N LYS A 666 -12.65 -10.85 -11.76
CA LYS A 666 -11.82 -12.04 -11.83
C LYS A 666 -11.58 -12.57 -10.41
N PHE A 667 -11.89 -13.85 -10.19
CA PHE A 667 -11.73 -14.42 -8.87
C PHE A 667 -10.26 -14.65 -8.55
N GLN A 668 -9.84 -14.20 -7.38
CA GLN A 668 -8.45 -14.34 -6.95
C GLN A 668 -8.20 -15.68 -6.28
N CYS B 174 18.29 -32.13 10.23
CA CYS B 174 18.84 -32.04 8.87
C CYS B 174 17.70 -31.90 7.86
N GLU B 175 18.05 -31.92 6.58
CA GLU B 175 17.06 -31.79 5.51
C GLU B 175 17.54 -32.57 4.28
N ARG B 176 16.59 -32.96 3.45
CA ARG B 176 16.89 -33.71 2.24
C ARG B 176 17.11 -32.75 1.08
N ILE B 177 18.05 -33.10 0.20
CA ILE B 177 18.36 -32.26 -0.95
C ILE B 177 17.34 -32.54 -2.04
N VAL B 178 16.56 -31.53 -2.39
CA VAL B 178 15.54 -31.65 -3.44
C VAL B 178 16.05 -30.90 -4.64
N SER B 179 16.31 -31.62 -5.73
CA SER B 179 16.88 -31.04 -6.93
C SER B 179 15.86 -30.13 -7.63
N LYS B 180 16.16 -28.84 -7.70
CA LYS B 180 15.35 -27.90 -8.44
C LYS B 180 15.90 -27.60 -9.83
N VAL B 181 16.87 -28.40 -10.29
CA VAL B 181 17.52 -28.14 -11.57
C VAL B 181 16.69 -28.72 -12.71
N SER B 182 16.65 -28.03 -13.84
CA SER B 182 15.91 -28.53 -14.99
C SER B 182 16.62 -29.74 -15.57
N GLU B 183 15.84 -30.59 -16.24
CA GLU B 183 16.42 -31.77 -16.88
C GLU B 183 17.39 -31.38 -17.99
N GLU B 184 17.15 -30.25 -18.65
CA GLU B 184 18.04 -29.81 -19.73
C GLU B 184 19.46 -29.61 -19.23
N GLN B 185 19.62 -29.31 -17.95
CA GLN B 185 20.94 -29.08 -17.35
C GLN B 185 21.57 -30.35 -16.82
N LYS B 186 20.85 -31.47 -16.80
CA LYS B 186 21.38 -32.76 -16.42
C LYS B 186 21.88 -33.57 -17.60
N ARG B 187 22.07 -32.92 -18.76
CA ARG B 187 22.40 -33.62 -19.99
C ARG B 187 23.89 -33.85 -20.18
N ARG B 188 24.72 -32.96 -19.66
CA ARG B 188 26.16 -32.97 -19.88
C ARG B 188 26.89 -32.84 -18.56
N PRO B 189 28.17 -33.18 -18.52
CA PRO B 189 28.98 -32.85 -17.35
C PRO B 189 29.01 -31.34 -17.17
N LEU B 190 29.23 -30.91 -15.93
CA LEU B 190 29.38 -29.50 -15.63
C LEU B 190 30.63 -29.34 -14.81
N THR B 191 31.50 -28.43 -15.24
CA THR B 191 32.71 -28.10 -14.49
C THR B 191 32.69 -26.62 -14.19
N VAL B 192 32.99 -26.29 -12.94
CA VAL B 192 33.10 -24.90 -12.48
C VAL B 192 34.52 -24.74 -11.97
N VAL B 193 35.31 -23.93 -12.68
CA VAL B 193 36.70 -23.69 -12.32
C VAL B 193 36.79 -22.32 -11.66
N VAL B 194 37.19 -22.29 -10.40
CA VAL B 194 37.31 -21.06 -9.64
C VAL B 194 38.79 -20.69 -9.62
N LEU B 195 39.19 -19.74 -10.46
CA LEU B 195 40.55 -19.25 -10.43
C LEU B 195 40.75 -18.35 -9.21
N GLY B 196 41.93 -18.43 -8.62
CA GLY B 196 42.20 -17.73 -7.37
C GLY B 196 41.59 -18.41 -6.16
N ALA B 197 41.51 -19.74 -6.16
CA ALA B 197 40.82 -20.46 -5.09
C ALA B 197 41.48 -20.27 -3.73
N SER B 198 42.74 -19.84 -3.68
CA SER B 198 43.37 -19.54 -2.40
C SER B 198 43.09 -18.12 -1.91
N GLY B 199 42.54 -17.26 -2.78
CA GLY B 199 42.29 -15.89 -2.41
C GLY B 199 41.07 -15.73 -1.54
N ASP B 200 40.94 -14.54 -0.96
CA ASP B 200 39.90 -14.31 0.03
C ASP B 200 38.50 -14.41 -0.58
N LEU B 201 38.29 -13.80 -1.75
CA LEU B 201 36.96 -13.82 -2.35
C LEU B 201 36.49 -15.24 -2.61
N ALA B 202 37.34 -16.06 -3.22
CA ALA B 202 36.93 -17.41 -3.60
C ALA B 202 36.45 -18.19 -2.37
N LYS B 203 37.16 -18.07 -1.26
CA LYS B 203 36.86 -18.86 -0.08
C LYS B 203 35.86 -18.18 0.86
N LYS B 204 35.73 -16.86 0.81
CA LYS B 204 34.76 -16.16 1.64
C LYS B 204 33.43 -15.94 0.94
N LYS B 205 33.40 -15.94 -0.40
CA LYS B 205 32.20 -15.64 -1.15
C LYS B 205 31.86 -16.73 -2.16
N THR B 206 32.82 -17.08 -3.02
CA THR B 206 32.52 -17.95 -4.15
C THR B 206 32.16 -19.36 -3.69
N PHE B 207 33.10 -20.03 -3.00
CA PHE B 207 32.82 -21.39 -2.54
C PHE B 207 31.64 -21.45 -1.58
N PRO B 208 31.55 -20.57 -0.57
CA PRO B 208 30.33 -20.60 0.29
C PRO B 208 29.04 -20.50 -0.51
N ALA B 209 29.04 -19.73 -1.60
CA ALA B 209 27.86 -19.63 -2.45
C ALA B 209 27.59 -20.94 -3.18
N LEU B 210 28.64 -21.55 -3.74
CA LEU B 210 28.47 -22.84 -4.41
C LEU B 210 27.93 -23.88 -3.43
N PHE B 211 28.35 -23.81 -2.17
CA PHE B 211 27.83 -24.75 -1.18
C PHE B 211 26.34 -24.52 -0.94
N GLN B 212 25.93 -23.26 -0.75
CA GLN B 212 24.51 -22.99 -0.55
C GLN B 212 23.71 -23.43 -1.78
N LEU B 213 24.27 -23.22 -2.98
CA LEU B 213 23.58 -23.66 -4.19
C LEU B 213 23.38 -25.18 -4.20
N TYR B 214 24.37 -25.93 -3.72
CA TYR B 214 24.23 -27.38 -3.64
C TYR B 214 23.10 -27.77 -2.69
N CYS B 215 23.09 -27.16 -1.50
CA CYS B 215 22.04 -27.45 -0.54
C CYS B 215 20.66 -27.05 -1.05
N ASP B 216 20.60 -26.01 -1.91
CA ASP B 216 19.34 -25.58 -2.50
C ASP B 216 18.89 -26.46 -3.65
N GLY B 217 19.67 -27.48 -4.01
CA GLY B 217 19.30 -28.34 -5.12
C GLY B 217 19.38 -27.68 -6.47
N LEU B 218 20.25 -26.68 -6.63
CA LEU B 218 20.38 -25.93 -7.86
C LEU B 218 21.63 -26.28 -8.66
N LEU B 219 22.48 -27.15 -8.13
CA LEU B 219 23.58 -27.65 -8.95
C LEU B 219 23.20 -28.99 -9.55
N PRO B 220 23.53 -29.25 -10.82
CA PRO B 220 23.26 -30.57 -11.38
C PRO B 220 23.91 -31.64 -10.53
N PRO B 221 23.37 -32.86 -10.56
CA PRO B 221 23.81 -33.88 -9.58
C PRO B 221 25.30 -34.18 -9.58
N GLN B 222 25.95 -34.26 -10.74
CA GLN B 222 27.36 -34.66 -10.80
C GLN B 222 28.26 -33.53 -11.29
N ILE B 223 28.03 -32.32 -10.78
CA ILE B 223 28.88 -31.20 -11.12
C ILE B 223 30.30 -31.44 -10.61
N ASN B 224 31.27 -30.88 -11.34
CA ASN B 224 32.67 -30.87 -10.92
C ASN B 224 33.07 -29.43 -10.63
N ILE B 225 33.63 -29.21 -9.45
CA ILE B 225 34.10 -27.90 -9.03
C ILE B 225 35.60 -28.00 -8.82
N VAL B 226 36.37 -27.18 -9.56
CA VAL B 226 37.82 -27.25 -9.55
C VAL B 226 38.36 -25.94 -8.99
N GLY B 227 39.00 -26.00 -7.83
CA GLY B 227 39.77 -24.87 -7.34
C GLY B 227 41.11 -24.77 -8.07
N TYR B 228 41.53 -23.54 -8.33
CA TYR B 228 42.69 -23.27 -9.18
C TYR B 228 43.45 -22.11 -8.57
N ALA B 229 44.69 -22.36 -8.14
CA ALA B 229 45.50 -21.31 -7.53
C ALA B 229 46.98 -21.55 -7.79
N ARG B 230 47.77 -20.49 -7.56
CA ARG B 230 49.22 -20.60 -7.68
C ARG B 230 49.79 -21.47 -6.55
N THR B 231 49.30 -21.27 -5.34
CA THR B 231 49.80 -21.97 -4.16
C THR B 231 49.70 -23.47 -4.31
N VAL B 236 45.51 -32.07 0.01
CA VAL B 236 44.42 -31.30 -0.58
C VAL B 236 43.11 -31.53 0.17
N GLU B 237 42.90 -32.75 0.67
CA GLU B 237 41.70 -33.02 1.46
C GLU B 237 41.71 -32.24 2.77
N LYS B 238 42.90 -31.97 3.34
CA LYS B 238 42.97 -31.10 4.50
C LYS B 238 42.53 -29.69 4.15
N TRP B 239 43.05 -29.15 3.05
CA TRP B 239 42.70 -27.79 2.62
C TRP B 239 41.19 -27.63 2.51
N LYS B 240 40.51 -28.63 1.96
CA LYS B 240 39.07 -28.57 1.74
C LYS B 240 38.30 -28.44 3.03
N HIS B 241 38.89 -28.85 4.17
CA HIS B 241 38.16 -28.89 5.42
C HIS B 241 38.60 -27.83 6.42
N GLU B 242 39.77 -27.21 6.24
CA GLU B 242 40.24 -26.20 7.19
C GLU B 242 40.05 -24.77 6.68
N THR B 243 40.25 -24.52 5.39
CA THR B 243 40.14 -23.17 4.85
C THR B 243 38.80 -22.90 4.16
N LEU B 244 38.24 -23.89 3.45
CA LEU B 244 37.00 -23.66 2.73
C LEU B 244 35.80 -23.62 3.69
N THR B 245 35.60 -24.70 4.46
CA THR B 245 34.44 -24.76 5.34
C THR B 245 34.50 -23.71 6.45
N LYS B 246 35.70 -23.16 6.71
CA LYS B 246 35.84 -22.13 7.74
C LYS B 246 34.87 -20.98 7.50
N TYR B 247 34.57 -20.66 6.24
CA TYR B 247 33.75 -19.52 5.91
C TYR B 247 32.36 -19.92 5.41
N PHE B 248 31.96 -21.17 5.61
CA PHE B 248 30.60 -21.58 5.32
C PHE B 248 29.64 -21.10 6.42
N SER B 249 28.36 -21.11 6.10
CA SER B 249 27.32 -20.61 6.98
C SER B 249 26.12 -21.56 6.90
N ARG B 250 25.15 -21.34 7.80
CA ARG B 250 24.01 -22.24 7.93
C ARG B 250 24.45 -23.64 8.39
N LEU B 251 25.51 -23.69 9.20
CA LEU B 251 26.08 -24.96 9.61
C LEU B 251 25.27 -25.63 10.72
N HIS B 252 24.54 -24.86 11.53
CA HIS B 252 23.69 -25.48 12.53
C HIS B 252 22.50 -26.20 11.92
N GLU B 253 22.20 -25.97 10.64
CA GLU B 253 21.08 -26.60 9.96
C GLU B 253 21.45 -27.38 8.71
N ARG B 254 22.60 -27.08 8.08
CA ARG B 254 22.98 -27.71 6.81
C ARG B 254 24.32 -28.41 6.89
N SER B 255 24.82 -28.69 8.10
CA SER B 255 26.13 -29.35 8.23
C SER B 255 26.12 -30.79 7.73
N CYS B 256 24.94 -31.38 7.52
CA CYS B 256 24.88 -32.76 7.03
C CYS B 256 25.26 -32.90 5.56
N HIS B 257 25.41 -31.80 4.82
CA HIS B 257 25.67 -31.87 3.39
C HIS B 257 27.09 -31.44 3.01
N VAL B 258 27.96 -31.23 3.98
CA VAL B 258 29.31 -30.75 3.66
C VAL B 258 30.09 -31.79 2.88
N GLU B 259 30.18 -33.01 3.42
CA GLU B 259 31.01 -34.03 2.77
C GLU B 259 30.48 -34.39 1.39
N PRO B 260 29.19 -34.64 1.20
CA PRO B 260 28.69 -34.87 -0.18
C PRO B 260 29.05 -33.74 -1.13
N PHE B 261 29.08 -32.49 -0.65
CA PHE B 261 29.44 -31.37 -1.51
C PHE B 261 30.92 -31.39 -1.84
N LEU B 262 31.78 -31.54 -0.82
CA LEU B 262 33.22 -31.57 -1.06
C LEU B 262 33.63 -32.71 -1.97
N LYS B 263 32.80 -33.76 -2.06
CA LYS B 263 33.05 -34.84 -3.01
C LYS B 263 33.09 -34.34 -4.44
N HIS B 264 32.57 -33.14 -4.70
CA HIS B 264 32.57 -32.56 -6.04
C HIS B 264 33.73 -31.62 -6.29
N VAL B 265 34.61 -31.39 -5.31
CA VAL B 265 35.62 -30.34 -5.37
C VAL B 265 36.98 -30.96 -5.62
N THR B 266 37.72 -30.38 -6.57
CA THR B 266 39.10 -30.76 -6.87
C THR B 266 39.99 -29.53 -6.69
N TYR B 267 41.30 -29.77 -6.62
CA TYR B 267 42.30 -28.71 -6.55
C TYR B 267 43.29 -28.89 -7.69
N PHE B 268 43.56 -27.80 -8.42
CA PHE B 268 44.52 -27.77 -9.51
C PHE B 268 45.47 -26.61 -9.26
N THR B 269 46.77 -26.89 -9.26
CA THR B 269 47.78 -25.87 -9.02
C THR B 269 48.39 -25.43 -10.35
N GLY B 270 48.50 -24.12 -10.54
CA GLY B 270 49.09 -23.58 -11.75
C GLY B 270 49.03 -22.08 -11.74
N SER B 271 49.59 -21.49 -12.79
CA SER B 271 49.56 -20.04 -12.95
C SER B 271 48.28 -19.62 -13.68
N TYR B 272 47.98 -18.33 -13.59
CA TYR B 272 46.75 -17.79 -14.16
C TYR B 272 46.92 -17.29 -15.59
N ASP B 273 48.16 -17.27 -16.12
CA ASP B 273 48.40 -16.60 -17.39
C ASP B 273 49.35 -17.38 -18.29
N LYS B 274 49.37 -18.71 -18.20
CA LYS B 274 50.22 -19.54 -19.03
C LYS B 274 49.38 -20.55 -19.79
N LYS B 275 49.58 -20.62 -21.11
CA LYS B 275 48.75 -21.47 -21.95
C LYS B 275 48.86 -22.94 -21.57
N GLU B 276 50.08 -23.41 -21.30
CA GLU B 276 50.25 -24.85 -21.06
C GLU B 276 49.67 -25.28 -19.72
N ASP B 277 49.62 -24.37 -18.74
CA ASP B 277 48.96 -24.72 -17.48
C ASP B 277 47.48 -24.99 -17.68
N PHE B 278 46.88 -24.40 -18.70
CA PHE B 278 45.46 -24.62 -18.97
C PHE B 278 45.24 -25.83 -19.87
N GLN B 279 46.22 -26.18 -20.69
CA GLN B 279 46.16 -27.46 -21.38
C GLN B 279 46.19 -28.61 -20.38
N ARG B 280 46.95 -28.47 -19.30
CA ARG B 280 46.92 -29.48 -18.24
C ARG B 280 45.55 -29.52 -17.58
N LEU B 281 44.97 -28.34 -17.30
CA LEU B 281 43.62 -28.30 -16.76
C LEU B 281 42.63 -28.94 -17.72
N ASP B 282 42.75 -28.65 -19.02
CA ASP B 282 41.86 -29.26 -19.99
C ASP B 282 41.92 -30.78 -19.91
N GLU B 283 43.10 -31.34 -19.69
CA GLU B 283 43.23 -32.78 -19.51
C GLU B 283 42.64 -33.20 -18.17
N HIS B 284 42.94 -32.47 -17.10
CA HIS B 284 42.39 -32.78 -15.78
C HIS B 284 40.87 -32.67 -15.78
N VAL B 285 40.33 -31.62 -16.40
CA VAL B 285 38.88 -31.46 -16.44
C VAL B 285 38.27 -32.52 -17.33
N SER B 286 38.94 -32.83 -18.45
CA SER B 286 38.46 -33.92 -19.30
C SER B 286 38.46 -35.24 -18.55
N LYS B 287 39.40 -35.42 -17.61
CA LYS B 287 39.39 -36.60 -16.77
C LYS B 287 38.15 -36.62 -15.87
N LEU B 288 37.75 -35.45 -15.36
CA LEU B 288 36.52 -35.37 -14.59
C LEU B 288 35.30 -35.44 -15.51
N GLU B 289 35.37 -34.82 -16.69
CA GLU B 289 34.27 -34.91 -17.64
C GLU B 289 34.05 -36.35 -18.08
N ASP B 290 35.13 -37.11 -18.26
CA ASP B 290 34.99 -38.49 -18.69
C ASP B 290 34.28 -39.34 -17.64
N ALA B 291 34.34 -38.95 -16.37
CA ALA B 291 33.76 -39.74 -15.30
C ALA B 291 32.26 -39.48 -15.11
N PHE B 292 31.65 -38.62 -15.91
CA PHE B 292 30.22 -38.36 -15.77
C PHE B 292 29.42 -39.62 -16.13
N ASP B 293 28.34 -39.84 -15.38
CA ASP B 293 27.42 -40.94 -15.67
C ASP B 293 26.45 -40.48 -16.76
N GLY B 294 26.69 -40.93 -17.97
CA GLY B 294 25.97 -40.45 -19.13
C GLY B 294 26.82 -40.53 -20.37
N GLU B 295 26.16 -40.61 -21.53
CA GLU B 295 26.88 -40.81 -22.78
C GLU B 295 27.61 -39.55 -23.22
N GLU B 296 26.97 -38.39 -23.08
CA GLU B 296 27.59 -37.13 -23.52
C GLU B 296 28.76 -36.78 -22.60
N LYS B 297 29.94 -36.61 -23.20
CA LYS B 297 31.13 -36.17 -22.47
C LYS B 297 31.55 -34.75 -22.84
N ALA B 298 30.96 -34.15 -23.88
CA ALA B 298 31.26 -32.77 -24.22
C ALA B 298 30.63 -31.84 -23.19
N GLY B 299 31.35 -31.57 -22.09
CA GLY B 299 30.75 -30.88 -20.97
C GLY B 299 30.75 -29.37 -21.12
N ASP B 300 29.85 -28.73 -20.38
CA ASP B 300 29.84 -27.28 -20.25
C ASP B 300 30.85 -26.86 -19.20
N ARG B 301 31.48 -25.70 -19.43
CA ARG B 301 32.53 -25.21 -18.56
C ARG B 301 32.31 -23.75 -18.20
N LEU B 302 32.31 -23.47 -16.90
CA LEU B 302 32.14 -22.13 -16.37
C LEU B 302 33.38 -21.75 -15.57
N PHE B 303 33.98 -20.60 -15.93
CA PHE B 303 35.16 -20.10 -15.25
C PHE B 303 34.81 -18.88 -14.42
N TYR B 304 35.13 -18.93 -13.11
CA TYR B 304 34.91 -17.84 -12.18
C TYR B 304 36.28 -17.26 -11.84
N LEU B 305 36.54 -16.02 -12.26
CA LEU B 305 37.85 -15.41 -12.07
C LEU B 305 37.87 -14.59 -10.78
N ALA B 306 38.03 -15.29 -9.66
CA ALA B 306 38.24 -14.63 -8.38
C ALA B 306 39.68 -14.13 -8.30
N LEU B 307 40.01 -13.24 -9.22
CA LEU B 307 41.36 -12.74 -9.44
C LEU B 307 41.34 -11.22 -9.43
N PRO B 308 42.48 -10.59 -9.15
CA PRO B 308 42.55 -9.14 -9.31
C PRO B 308 42.31 -8.75 -10.76
N PRO B 309 41.76 -7.55 -10.99
CA PRO B 309 41.34 -7.20 -12.36
C PRO B 309 42.48 -7.20 -13.37
N SER B 310 43.72 -6.92 -12.94
CA SER B 310 44.82 -6.90 -13.88
C SER B 310 45.10 -8.27 -14.47
N ALA B 311 44.57 -9.34 -13.87
CA ALA B 311 44.78 -10.69 -14.36
C ALA B 311 43.66 -11.17 -15.28
N PHE B 312 42.58 -10.39 -15.43
CA PHE B 312 41.45 -10.84 -16.23
C PHE B 312 41.86 -11.13 -17.67
N ALA B 313 42.58 -10.20 -18.31
CA ALA B 313 42.95 -10.38 -19.70
C ALA B 313 43.88 -11.57 -19.87
N GLY B 314 44.85 -11.72 -18.98
CA GLY B 314 45.79 -12.83 -19.08
C GLY B 314 45.09 -14.18 -18.95
N ALA B 315 44.19 -14.30 -17.98
CA ALA B 315 43.48 -15.56 -17.81
C ALA B 315 42.57 -15.83 -19.00
N CYS B 316 41.81 -14.82 -19.44
CA CYS B 316 40.93 -15.00 -20.59
C CYS B 316 41.71 -15.46 -21.82
N GLY B 317 42.91 -14.92 -22.01
CA GLY B 317 43.71 -15.34 -23.15
C GLY B 317 44.17 -16.78 -23.04
N SER B 318 44.57 -17.20 -21.83
CA SER B 318 45.01 -18.57 -21.65
C SER B 318 43.84 -19.54 -21.77
N ILE B 319 42.69 -19.19 -21.20
CA ILE B 319 41.52 -20.07 -21.28
C ILE B 319 41.18 -20.32 -22.74
N ARG B 320 41.13 -19.26 -23.55
CA ARG B 320 40.76 -19.39 -24.95
C ARG B 320 41.73 -20.29 -25.69
N ALA B 321 43.01 -20.25 -25.33
CA ALA B 321 44.05 -20.91 -26.09
C ALA B 321 44.26 -22.36 -25.71
N GLY B 322 43.80 -22.77 -24.53
CA GLY B 322 44.11 -24.11 -24.06
C GLY B 322 43.10 -24.79 -23.16
N ALA B 323 41.89 -24.21 -23.00
CA ALA B 323 40.92 -24.81 -22.09
C ALA B 323 39.48 -24.70 -22.59
N MET B 324 39.27 -24.45 -23.88
CA MET B 324 37.92 -24.38 -24.41
C MET B 324 37.24 -25.74 -24.24
N PRO B 325 35.90 -25.77 -24.22
CA PRO B 325 35.20 -27.05 -24.06
C PRO B 325 35.30 -27.89 -25.33
N ARG B 326 34.87 -29.14 -25.21
CA ARG B 326 34.73 -29.97 -26.39
C ARG B 326 33.52 -29.51 -27.21
N GLU B 327 33.40 -30.04 -28.42
CA GLU B 327 32.30 -29.63 -29.28
C GLU B 327 30.96 -29.94 -28.64
N GLY B 328 30.08 -28.95 -28.62
CA GLY B 328 28.76 -29.08 -28.05
C GLY B 328 28.56 -28.30 -26.78
N GLY B 329 29.57 -28.27 -25.90
CA GLY B 329 29.43 -27.61 -24.62
C GLY B 329 29.80 -26.15 -24.73
N TRP B 330 29.10 -25.30 -23.96
CA TRP B 330 29.39 -23.88 -23.95
C TRP B 330 30.47 -23.54 -22.93
N ILE B 331 30.95 -22.29 -23.00
CA ILE B 331 31.91 -21.75 -22.04
C ILE B 331 31.43 -20.38 -21.61
N ARG B 332 31.55 -20.08 -20.31
CA ARG B 332 31.17 -18.79 -19.74
C ARG B 332 32.22 -18.36 -18.74
N VAL B 333 32.46 -17.05 -18.67
CA VAL B 333 33.50 -16.47 -17.83
C VAL B 333 32.88 -15.37 -16.98
N ILE B 334 32.96 -15.51 -15.65
CA ILE B 334 32.45 -14.53 -14.71
C ILE B 334 33.61 -13.67 -14.23
N ILE B 335 33.45 -12.34 -14.33
CA ILE B 335 34.42 -11.38 -13.83
C ILE B 335 33.67 -10.32 -13.03
N GLU B 336 34.30 -9.84 -11.97
CA GLU B 336 33.65 -8.89 -11.07
C GLU B 336 34.28 -7.51 -11.14
N LYS B 337 33.48 -6.49 -10.81
CA LYS B 337 33.96 -5.12 -10.75
C LYS B 337 35.07 -4.98 -9.69
N PRO B 338 35.97 -4.00 -9.86
CA PRO B 338 35.96 -2.94 -10.87
C PRO B 338 36.73 -3.23 -12.15
N PHE B 339 36.17 -2.78 -13.27
CA PHE B 339 36.82 -2.78 -14.58
C PHE B 339 37.21 -1.33 -14.82
N GLY B 340 38.38 -0.93 -14.34
CA GLY B 340 38.84 0.43 -14.49
C GLY B 340 38.33 1.37 -13.42
N HIS B 341 38.84 2.61 -13.49
CA HIS B 341 38.49 3.69 -12.59
C HIS B 341 37.98 4.92 -13.32
N ASP B 342 37.79 4.84 -14.63
CA ASP B 342 37.20 5.90 -15.45
C ASP B 342 36.94 5.28 -16.82
N THR B 343 36.47 6.12 -17.75
CA THR B 343 36.12 5.62 -19.08
C THR B 343 37.32 4.97 -19.76
N GLU B 344 38.47 5.66 -19.77
CA GLU B 344 39.65 5.14 -20.46
C GLU B 344 40.06 3.77 -19.93
N SER B 345 40.35 3.70 -18.62
CA SER B 345 40.86 2.45 -18.06
C SER B 345 39.85 1.32 -18.24
N SER B 346 38.57 1.61 -18.03
CA SER B 346 37.56 0.57 -18.17
C SER B 346 37.43 0.09 -19.61
N ALA B 347 37.50 1.03 -20.56
CA ALA B 347 37.37 0.64 -21.97
C ALA B 347 38.55 -0.21 -22.41
N GLU B 348 39.76 0.09 -21.90
CA GLU B 348 40.93 -0.68 -22.29
C GLU B 348 40.82 -2.13 -21.84
N LEU B 349 40.36 -2.36 -20.61
CA LEU B 349 40.16 -3.72 -20.15
C LEU B 349 39.12 -4.44 -21.00
N SER B 350 38.04 -3.74 -21.35
CA SER B 350 37.01 -4.36 -22.20
C SER B 350 37.59 -4.73 -23.56
N LYS B 351 38.43 -3.87 -24.12
CA LYS B 351 39.06 -4.15 -25.40
C LYS B 351 40.03 -5.33 -25.31
N ALA B 352 40.73 -5.48 -24.17
CA ALA B 352 41.68 -6.57 -24.03
C ALA B 352 40.99 -7.93 -23.97
N ILE B 353 39.74 -7.97 -23.51
CA ILE B 353 39.02 -9.24 -23.40
C ILE B 353 38.25 -9.57 -24.67
N GLU B 354 37.87 -8.56 -25.45
CA GLU B 354 37.10 -8.79 -26.67
C GLU B 354 37.68 -9.85 -27.61
N PRO B 355 39.00 -9.90 -27.84
CA PRO B 355 39.52 -10.91 -28.79
C PRO B 355 39.28 -12.34 -28.34
N PHE B 356 39.01 -12.56 -27.05
CA PHE B 356 38.95 -13.90 -26.49
C PHE B 356 37.53 -14.41 -26.32
N PHE B 357 36.60 -13.53 -25.96
CA PHE B 357 35.21 -13.94 -25.75
C PHE B 357 34.28 -12.81 -26.16
N ASP B 358 33.09 -13.18 -26.63
CA ASP B 358 32.06 -12.22 -27.00
C ASP B 358 31.09 -12.05 -25.82
N GLU B 359 30.14 -11.12 -25.98
CA GLU B 359 29.32 -10.73 -24.84
C GLU B 359 28.46 -11.90 -24.34
N SER B 360 27.96 -12.74 -25.24
CA SER B 360 27.15 -13.86 -24.79
C SER B 360 27.92 -14.78 -23.85
N GLN B 361 29.24 -14.71 -23.85
CA GLN B 361 30.09 -15.56 -23.04
C GLN B 361 30.65 -14.87 -21.80
N ILE B 362 30.54 -13.54 -21.72
CA ILE B 362 31.09 -12.78 -20.61
C ILE B 362 29.97 -12.40 -19.67
N TYR B 363 30.19 -12.60 -18.38
CA TYR B 363 29.21 -12.34 -17.32
C TYR B 363 29.89 -11.43 -16.30
N ARG B 364 29.67 -10.12 -16.43
CA ARG B 364 30.28 -9.15 -15.54
C ARG B 364 29.37 -8.92 -14.33
N ILE B 365 29.95 -9.01 -13.13
CA ILE B 365 29.20 -8.96 -11.90
C ILE B 365 29.25 -7.54 -11.34
N ASP B 366 28.09 -6.96 -11.11
CA ASP B 366 27.88 -5.87 -10.14
C ASP B 366 27.00 -6.50 -9.07
N HIS B 367 27.56 -6.73 -7.88
CA HIS B 367 26.88 -7.65 -6.97
C HIS B 367 25.56 -7.09 -6.43
N TYR B 368 25.29 -5.80 -6.59
CA TYR B 368 23.97 -5.31 -6.19
C TYR B 368 22.87 -5.92 -7.05
N LEU B 369 23.18 -6.29 -8.30
CA LEU B 369 22.18 -6.93 -9.13
C LEU B 369 21.78 -8.31 -8.63
N GLY B 370 22.51 -8.85 -7.66
CA GLY B 370 22.11 -10.11 -7.05
C GLY B 370 21.24 -9.97 -5.84
N LYS B 371 21.02 -8.75 -5.36
CA LYS B 371 20.21 -8.53 -4.18
C LYS B 371 18.72 -8.70 -4.47
N GLU B 372 18.00 -9.20 -3.47
CA GLU B 372 16.57 -9.48 -3.64
C GLU B 372 15.80 -8.21 -4.01
N MET B 373 16.04 -7.12 -3.28
CA MET B 373 15.25 -5.92 -3.51
C MET B 373 15.56 -5.28 -4.86
N VAL B 374 16.80 -5.41 -5.33
CA VAL B 374 17.15 -4.86 -6.65
C VAL B 374 16.48 -5.66 -7.75
N GLN B 375 16.45 -6.99 -7.62
CA GLN B 375 15.81 -7.80 -8.64
C GLN B 375 14.30 -7.61 -8.63
N ASN B 376 13.73 -7.27 -7.48
CA ASN B 376 12.29 -7.06 -7.38
C ASN B 376 11.84 -5.74 -7.97
N ILE B 377 12.76 -4.86 -8.37
CA ILE B 377 12.36 -3.58 -8.95
C ILE B 377 11.53 -3.81 -10.21
N ILE B 378 12.01 -4.70 -11.10
CA ILE B 378 11.34 -4.90 -12.38
C ILE B 378 9.93 -5.44 -12.18
N THR B 379 9.78 -6.44 -11.30
CA THR B 379 8.47 -7.03 -11.08
C THR B 379 7.53 -6.02 -10.45
N THR B 380 8.02 -5.29 -9.44
CA THR B 380 7.21 -4.25 -8.82
C THR B 380 6.69 -3.27 -9.88
N ARG B 381 7.58 -2.83 -10.78
CA ARG B 381 7.22 -1.77 -11.72
C ARG B 381 6.33 -2.27 -12.84
N PHE B 382 6.56 -3.47 -13.34
CA PHE B 382 5.99 -3.88 -14.62
C PHE B 382 4.97 -5.00 -14.54
N ALA B 383 4.74 -5.57 -13.35
CA ALA B 383 3.68 -6.55 -13.16
C ALA B 383 2.43 -5.97 -12.52
N ASN B 384 2.45 -4.68 -12.15
CA ASN B 384 1.38 -4.09 -11.36
C ASN B 384 0.88 -2.81 -12.01
N ARG B 385 -0.41 -2.75 -12.32
CA ARG B 385 -0.94 -1.52 -12.89
C ARG B 385 -0.82 -0.37 -11.91
N ILE B 386 -0.90 -0.65 -10.60
CA ILE B 386 -0.82 0.44 -9.62
C ILE B 386 0.48 1.21 -9.79
N PHE B 387 1.59 0.49 -9.91
CA PHE B 387 2.88 1.16 -10.04
C PHE B 387 3.14 1.59 -11.48
N SER B 388 2.66 0.82 -12.45
CA SER B 388 2.84 1.20 -13.85
C SER B 388 2.20 2.56 -14.15
N ALA B 389 0.97 2.77 -13.69
CA ALA B 389 0.28 4.02 -14.00
C ALA B 389 0.92 5.23 -13.34
N LEU B 390 1.72 5.06 -12.30
CA LEU B 390 2.27 6.17 -11.55
C LEU B 390 3.70 6.55 -11.94
N TRP B 391 4.39 5.70 -12.69
CA TRP B 391 5.85 5.75 -12.73
C TRP B 391 6.36 6.64 -13.87
N ASN B 392 6.08 7.93 -13.76
CA ASN B 392 6.53 8.89 -14.77
C ASN B 392 6.44 10.30 -14.19
N SER B 393 6.86 11.29 -15.00
CA SER B 393 6.95 12.66 -14.51
C SER B 393 5.59 13.30 -14.29
N ASN B 394 4.50 12.71 -14.79
CA ASN B 394 3.19 13.29 -14.49
C ASN B 394 2.88 13.25 -13.00
N ASN B 395 3.42 12.27 -12.29
CA ASN B 395 3.08 12.03 -10.89
C ASN B 395 4.26 12.04 -9.94
N ILE B 396 5.49 11.89 -10.41
CA ILE B 396 6.66 11.81 -9.55
C ILE B 396 7.36 13.16 -9.53
N ALA B 397 7.70 13.63 -8.32
CA ALA B 397 8.41 14.89 -8.18
C ALA B 397 9.92 14.71 -8.07
N CYS B 398 10.39 13.60 -7.50
CA CYS B 398 11.78 13.45 -7.15
C CYS B 398 12.05 11.99 -6.81
N VAL B 399 13.23 11.51 -7.19
CA VAL B 399 13.66 10.15 -6.89
C VAL B 399 15.00 10.22 -6.20
N GLN B 400 15.15 9.45 -5.13
CA GLN B 400 16.40 9.45 -4.37
C GLN B 400 16.84 8.01 -4.13
N ILE B 401 18.13 7.75 -4.33
CA ILE B 401 18.73 6.45 -4.12
C ILE B 401 19.91 6.65 -3.18
N THR B 402 19.91 5.96 -2.04
CA THR B 402 20.76 6.33 -0.91
C THR B 402 21.52 5.14 -0.35
N PHE B 403 22.81 5.32 -0.11
CA PHE B 403 23.64 4.36 0.60
C PHE B 403 24.26 5.07 1.80
N LYS B 404 24.04 4.52 2.99
CA LYS B 404 24.61 5.07 4.20
C LYS B 404 25.26 3.95 5.01
N GLU B 405 26.38 4.28 5.66
CA GLU B 405 27.09 3.38 6.54
C GLU B 405 27.60 4.16 7.74
N THR B 406 27.55 3.53 8.91
CA THR B 406 28.07 4.15 10.13
C THR B 406 29.60 4.04 10.22
N ILE B 407 30.21 3.05 9.54
CA ILE B 407 31.65 2.83 9.65
C ILE B 407 32.39 3.82 8.74
N GLY B 408 33.68 3.97 9.01
CA GLY B 408 34.59 4.76 8.19
C GLY B 408 35.45 3.90 7.31
N THR B 409 36.63 4.40 6.97
CA THR B 409 37.58 3.61 6.20
C THR B 409 38.28 2.56 7.05
N GLU B 410 38.33 2.75 8.37
CA GLU B 410 38.82 1.75 9.32
C GLU B 410 40.26 1.34 9.03
N GLY B 411 41.15 2.33 9.03
CA GLY B 411 42.56 2.08 8.86
C GLY B 411 42.99 1.91 7.43
N ARG B 412 42.17 1.22 6.63
CA ARG B 412 42.49 0.98 5.23
C ARG B 412 42.09 2.17 4.37
N GLY B 413 42.41 3.38 4.83
CA GLY B 413 42.12 4.57 4.05
C GLY B 413 43.00 4.74 2.83
N GLY B 414 44.17 4.09 2.83
CA GLY B 414 45.04 4.18 1.67
C GLY B 414 44.42 3.53 0.44
N TYR B 415 43.67 2.45 0.64
CA TYR B 415 42.98 1.82 -0.48
C TYR B 415 41.79 2.65 -0.93
N PHE B 416 41.08 3.26 0.02
CA PHE B 416 39.93 4.08 -0.31
C PHE B 416 40.31 5.42 -0.93
N ASP B 417 41.53 5.91 -0.66
CA ASP B 417 41.87 7.26 -1.12
C ASP B 417 41.93 7.34 -2.64
N SER B 418 42.33 6.25 -3.30
CA SER B 418 42.38 6.21 -4.76
C SER B 418 41.04 5.86 -5.39
N ILE B 419 40.05 5.45 -4.59
CA ILE B 419 38.75 5.06 -5.10
C ILE B 419 37.78 6.21 -4.94
N GLY B 420 37.44 6.53 -3.69
CA GLY B 420 36.45 7.54 -3.40
C GLY B 420 35.04 6.98 -3.38
N ILE B 421 34.15 7.69 -2.68
CA ILE B 421 32.80 7.17 -2.47
C ILE B 421 32.05 7.02 -3.78
N ILE B 422 32.32 7.87 -4.76
CA ILE B 422 31.58 7.86 -6.01
C ILE B 422 31.90 6.60 -6.81
N ARG B 423 33.19 6.28 -6.97
CA ARG B 423 33.55 5.05 -7.66
C ARG B 423 33.17 3.81 -6.86
N ASP B 424 33.20 3.89 -5.53
CA ASP B 424 33.03 2.69 -4.74
C ASP B 424 31.59 2.19 -4.78
N VAL B 425 30.62 3.09 -4.83
CA VAL B 425 29.23 2.73 -4.59
C VAL B 425 28.28 3.40 -5.57
N MET B 426 28.62 4.60 -6.03
CA MET B 426 27.66 5.38 -6.79
C MET B 426 27.73 5.10 -8.29
N GLN B 427 28.93 5.18 -8.87
CA GLN B 427 29.08 4.94 -10.31
C GLN B 427 28.62 3.54 -10.68
N ASN B 428 28.81 2.57 -9.78
CA ASN B 428 28.51 1.18 -10.09
C ASN B 428 27.17 0.75 -9.48
N HIS B 429 27.10 0.66 -8.15
CA HIS B 429 25.94 0.04 -7.51
C HIS B 429 24.69 0.89 -7.66
N LEU B 430 24.72 2.14 -7.20
CA LEU B 430 23.51 2.95 -7.20
C LEU B 430 23.04 3.25 -8.62
N THR B 431 23.96 3.35 -9.57
CA THR B 431 23.57 3.60 -10.95
C THR B 431 22.89 2.39 -11.57
N GLN B 432 23.22 1.18 -11.11
CA GLN B 432 22.46 0.00 -11.54
C GLN B 432 21.03 0.06 -10.99
N ILE B 433 20.87 0.42 -9.72
CA ILE B 433 19.52 0.59 -9.16
C ILE B 433 18.76 1.63 -9.97
N LEU B 434 19.41 2.76 -10.28
CA LEU B 434 18.76 3.80 -11.08
C LEU B 434 18.31 3.25 -12.43
N ALA B 435 19.19 2.53 -13.13
CA ALA B 435 18.81 2.03 -14.45
C ALA B 435 17.55 1.18 -14.36
N LEU B 436 17.44 0.32 -13.34
CA LEU B 436 16.25 -0.49 -13.20
C LEU B 436 15.04 0.35 -12.77
N LEU B 437 15.28 1.41 -11.98
CA LEU B 437 14.17 2.25 -11.54
C LEU B 437 13.60 3.11 -12.66
N ALA B 438 14.39 3.44 -13.66
CA ALA B 438 13.98 4.45 -14.63
C ALA B 438 13.79 3.90 -16.04
N MET B 439 14.26 2.69 -16.32
CA MET B 439 14.22 2.19 -17.69
C MET B 439 12.78 2.05 -18.17
N GLU B 440 12.62 1.98 -19.49
CA GLU B 440 11.33 1.64 -20.08
C GLU B 440 11.02 0.16 -19.88
N LYS B 441 9.74 -0.16 -20.05
CA LYS B 441 9.29 -1.54 -19.94
C LYS B 441 9.78 -2.35 -21.14
N PRO B 442 10.45 -3.47 -20.93
CA PRO B 442 10.78 -4.34 -22.07
C PRO B 442 9.56 -5.12 -22.51
N ASN B 443 9.47 -5.37 -23.81
CA ASN B 443 8.32 -6.06 -24.38
C ASN B 443 8.20 -7.49 -23.86
N SER B 444 9.33 -8.09 -23.49
CA SER B 444 9.36 -9.41 -22.87
C SER B 444 10.40 -9.38 -21.75
N LEU B 445 10.51 -10.50 -21.03
CA LEU B 445 11.52 -10.67 -20.00
C LEU B 445 12.80 -11.31 -20.52
N ASP B 446 13.01 -11.33 -21.85
CA ASP B 446 14.26 -11.86 -22.37
C ASP B 446 15.42 -11.04 -21.83
N ALA B 447 16.52 -11.73 -21.53
CA ALA B 447 17.67 -11.07 -20.91
C ALA B 447 18.13 -9.86 -21.71
N GLU B 448 18.33 -10.03 -23.02
CA GLU B 448 18.91 -8.93 -23.77
C GLU B 448 17.91 -7.81 -23.98
N ARG B 449 16.61 -8.09 -23.95
CA ARG B 449 15.63 -7.00 -24.03
C ARG B 449 15.67 -6.15 -22.76
N ILE B 450 15.91 -6.75 -21.60
CA ILE B 450 16.03 -5.96 -20.38
C ILE B 450 17.31 -5.13 -20.40
N ARG B 451 18.43 -5.74 -20.80
CA ARG B 451 19.69 -4.99 -20.84
C ARG B 451 19.65 -3.91 -21.90
N ASP B 452 18.98 -4.18 -23.03
CA ASP B 452 18.72 -3.12 -24.02
C ASP B 452 18.05 -1.90 -23.38
N GLU B 453 17.04 -2.12 -22.52
CA GLU B 453 16.35 -0.96 -21.94
C GLU B 453 17.22 -0.24 -20.89
N LYS B 454 18.04 -0.98 -20.15
CA LYS B 454 18.96 -0.32 -19.22
C LYS B 454 19.94 0.58 -19.98
N VAL B 455 20.53 0.06 -21.06
CA VAL B 455 21.45 0.87 -21.86
C VAL B 455 20.74 2.09 -22.44
N SER B 456 19.52 1.89 -22.96
CA SER B 456 18.81 3.00 -23.56
C SER B 456 18.52 4.11 -22.54
N LEU B 457 18.26 3.76 -21.30
CA LEU B 457 18.05 4.79 -20.30
C LEU B 457 19.35 5.54 -19.99
N LEU B 458 20.43 4.80 -19.70
CA LEU B 458 21.67 5.45 -19.36
C LEU B 458 22.12 6.43 -20.43
N LYS B 459 21.79 6.17 -21.69
CA LYS B 459 22.14 7.09 -22.76
C LYS B 459 21.34 8.38 -22.74
N CYS B 460 20.30 8.46 -21.93
CA CYS B 460 19.51 9.67 -21.80
C CYS B 460 20.09 10.62 -20.76
N ILE B 461 21.18 10.25 -20.10
CA ILE B 461 21.68 10.94 -18.91
C ILE B 461 22.89 11.78 -19.28
N ALA B 462 22.80 13.09 -19.07
CA ALA B 462 23.93 13.96 -19.35
C ALA B 462 25.04 13.76 -18.32
N PRO B 463 26.28 14.08 -18.68
CA PRO B 463 27.39 13.95 -17.71
C PRO B 463 27.17 14.87 -16.51
N ILE B 464 27.56 14.38 -15.34
CA ILE B 464 27.33 15.11 -14.10
C ILE B 464 28.35 16.25 -14.00
N GLY B 465 27.84 17.48 -13.90
CA GLY B 465 28.71 18.62 -13.69
C GLY B 465 29.00 18.87 -12.23
N LYS B 466 30.01 19.70 -11.97
CA LYS B 466 30.39 19.97 -10.59
C LYS B 466 29.37 20.86 -9.85
N ASP B 467 28.43 21.48 -10.56
CA ASP B 467 27.34 22.20 -9.89
C ASP B 467 26.23 21.27 -9.39
N ASP B 468 26.25 19.99 -9.78
CA ASP B 468 25.23 19.03 -9.39
C ASP B 468 25.76 18.02 -8.37
N CYS B 469 26.73 18.42 -7.56
CA CYS B 469 27.20 17.51 -6.53
C CYS B 469 27.63 18.29 -5.31
N VAL B 470 27.56 17.62 -4.16
CA VAL B 470 28.12 18.12 -2.91
C VAL B 470 28.97 16.99 -2.37
N LEU B 471 30.22 17.31 -2.04
CA LEU B 471 31.17 16.33 -1.53
C LEU B 471 31.50 16.61 -0.07
N GLY B 472 31.82 15.54 0.66
CA GLY B 472 32.19 15.66 2.05
C GLY B 472 33.31 14.70 2.39
N GLN B 473 33.97 14.98 3.51
CA GLN B 473 35.09 14.17 4.02
C GLN B 473 34.99 14.19 5.54
N TYR B 474 34.88 13.01 6.15
CA TYR B 474 34.51 12.94 7.56
C TYR B 474 35.69 13.17 8.49
N THR B 475 35.42 13.80 9.62
CA THR B 475 36.38 14.09 10.67
C THR B 475 36.02 13.30 11.92
N ALA B 476 36.78 13.54 13.00
CA ALA B 476 36.57 12.82 14.25
C ALA B 476 35.12 12.93 14.71
N SER B 477 34.64 11.87 15.36
CA SER B 477 33.23 11.72 15.67
C SER B 477 32.76 12.53 16.87
N ALA B 478 33.61 13.36 17.45
CA ALA B 478 33.23 14.20 18.59
C ALA B 478 33.11 13.38 19.87
N ASP B 479 32.71 12.12 19.75
CA ASP B 479 32.74 11.18 20.86
C ASP B 479 34.08 10.47 20.97
N GLY B 480 34.94 10.59 19.97
CA GLY B 480 36.22 9.91 19.93
C GLY B 480 36.18 8.50 19.38
N SER B 481 34.98 7.92 19.23
CA SER B 481 34.88 6.54 18.77
C SER B 481 35.51 6.35 17.40
N ILE B 482 35.14 7.16 16.43
CA ILE B 482 35.63 7.06 15.05
C ILE B 482 36.61 8.20 14.81
N PRO B 483 37.87 7.92 14.47
CA PRO B 483 38.82 8.99 14.19
C PRO B 483 38.57 9.60 12.80
N GLY B 484 39.19 10.75 12.57
CA GLY B 484 39.04 11.42 11.31
C GLY B 484 39.64 10.63 10.17
N TYR B 485 39.19 10.96 8.96
CA TYR B 485 39.69 10.27 7.76
C TYR B 485 41.13 10.66 7.48
N LEU B 486 41.46 11.94 7.64
CA LEU B 486 42.82 12.39 7.43
C LEU B 486 43.77 11.92 8.53
N GLU B 487 43.24 11.43 9.65
CA GLU B 487 44.07 10.94 10.75
C GLU B 487 44.64 9.55 10.50
N ASP B 488 44.24 8.88 9.43
CA ASP B 488 44.87 7.62 9.05
C ASP B 488 46.20 7.92 8.37
N GLU B 489 47.28 7.29 8.84
CA GLU B 489 48.59 7.56 8.27
C GLU B 489 48.72 7.03 6.84
N THR B 490 47.86 6.10 6.43
CA THR B 490 47.88 5.61 5.06
C THR B 490 47.33 6.65 4.09
N VAL B 491 46.56 7.61 4.59
CA VAL B 491 45.89 8.60 3.73
C VAL B 491 46.87 9.74 3.50
N PRO B 492 47.19 10.08 2.25
CA PRO B 492 48.04 11.24 2.01
C PRO B 492 47.39 12.49 2.60
N LYS B 493 48.22 13.36 3.18
CA LYS B 493 47.71 14.61 3.72
C LYS B 493 47.42 15.56 2.56
N GLY B 494 46.43 16.43 2.78
CA GLY B 494 45.90 17.24 1.70
C GLY B 494 44.98 16.48 0.77
N SER B 495 44.57 15.27 1.15
CA SER B 495 43.72 14.44 0.30
C SER B 495 42.38 15.13 0.06
N THR B 496 41.94 15.13 -1.20
CA THR B 496 40.63 15.61 -1.59
C THR B 496 39.63 14.48 -1.80
N CYS B 497 39.91 13.30 -1.24
CA CYS B 497 39.06 12.15 -1.51
C CYS B 497 37.74 12.29 -0.77
N PRO B 498 36.60 12.12 -1.44
CA PRO B 498 35.32 12.26 -0.74
C PRO B 498 34.89 10.97 -0.07
N THR B 499 34.45 11.07 1.18
CA THR B 499 33.78 9.99 1.86
C THR B 499 32.26 10.16 1.85
N PHE B 500 31.77 11.24 1.25
CA PHE B 500 30.36 11.59 1.19
C PHE B 500 30.12 12.26 -0.16
N ALA B 501 28.98 11.97 -0.77
CA ALA B 501 28.65 12.61 -2.04
C ALA B 501 27.14 12.56 -2.26
N VAL B 502 26.58 13.69 -2.66
CA VAL B 502 25.22 13.77 -3.16
C VAL B 502 25.29 14.27 -4.60
N LEU B 503 24.65 13.55 -5.52
CA LEU B 503 24.70 13.85 -6.94
C LEU B 503 23.29 13.99 -7.49
N ARG B 504 23.10 14.95 -8.39
CA ARG B 504 21.85 15.16 -9.10
C ARG B 504 22.06 14.84 -10.56
N LEU B 505 21.27 13.92 -11.09
CA LEU B 505 21.32 13.49 -12.49
C LEU B 505 20.05 13.97 -13.20
N HIS B 506 20.21 14.28 -14.49
CA HIS B 506 19.09 14.67 -15.35
C HIS B 506 18.89 13.60 -16.40
N ILE B 507 17.70 13.02 -16.44
CA ILE B 507 17.34 12.00 -17.43
C ILE B 507 16.51 12.71 -18.50
N ASN B 508 17.12 12.90 -19.67
CA ASN B 508 16.45 13.61 -20.76
C ASN B 508 15.70 12.62 -21.66
N ASN B 509 14.50 12.25 -21.23
CA ASN B 509 13.56 11.54 -22.08
C ASN B 509 12.13 11.88 -21.59
N ASP B 510 11.15 11.30 -22.28
CA ASP B 510 9.77 11.74 -22.11
C ASP B 510 9.17 11.26 -20.80
N ARG B 511 9.67 10.15 -20.26
CA ARG B 511 9.17 9.69 -18.98
C ARG B 511 9.71 10.53 -17.82
N TRP B 512 10.93 11.06 -17.95
CA TRP B 512 11.63 11.61 -16.81
C TRP B 512 12.06 13.07 -16.96
N ALA B 513 11.74 13.73 -18.07
CA ALA B 513 12.15 15.10 -18.24
C ALA B 513 11.68 15.97 -17.08
N GLY B 514 12.64 16.66 -16.45
CA GLY B 514 12.38 17.54 -15.34
C GLY B 514 12.48 16.91 -13.97
N VAL B 515 12.46 15.58 -13.87
CA VAL B 515 12.46 14.91 -12.57
C VAL B 515 13.87 14.78 -12.01
N PRO B 516 14.15 15.38 -10.86
CA PRO B 516 15.49 15.22 -10.27
C PRO B 516 15.70 13.80 -9.78
N PHE B 517 16.89 13.26 -10.08
CA PHE B 517 17.34 12.00 -9.51
C PHE B 517 18.56 12.29 -8.65
N ILE B 518 18.48 11.93 -7.38
CA ILE B 518 19.54 12.18 -6.42
C ILE B 518 20.16 10.84 -6.04
N LEU B 519 21.48 10.77 -6.20
CA LEU B 519 22.28 9.66 -5.68
C LEU B 519 23.01 10.17 -4.46
N LYS B 520 22.84 9.46 -3.34
CA LYS B 520 23.52 9.82 -2.10
C LYS B 520 24.27 8.62 -1.54
N ALA B 521 25.49 8.87 -1.10
CA ALA B 521 26.30 7.81 -0.49
C ALA B 521 27.26 8.45 0.50
N GLY B 522 27.35 7.86 1.69
CA GLY B 522 28.24 8.40 2.68
C GLY B 522 28.74 7.37 3.67
N LYS B 523 30.03 7.42 3.97
CA LYS B 523 30.60 6.62 5.05
C LYS B 523 30.70 7.47 6.32
N ALA B 524 30.56 6.80 7.46
CA ALA B 524 30.65 7.45 8.77
C ALA B 524 29.56 8.50 8.95
N VAL B 525 28.31 8.11 8.65
CA VAL B 525 27.15 8.97 8.85
C VAL B 525 26.29 8.38 9.96
N GLU B 526 25.04 8.82 10.06
CA GLU B 526 24.27 8.57 11.29
C GLU B 526 23.71 7.16 11.37
N GLN B 527 23.48 6.48 10.25
CA GLN B 527 22.91 5.14 10.32
C GLN B 527 23.32 4.34 9.10
N LYS B 528 23.13 3.02 9.18
CA LYS B 528 23.38 2.09 8.09
C LYS B 528 22.08 1.83 7.36
N TYR B 529 22.06 2.08 6.05
CA TYR B 529 20.81 2.27 5.32
C TYR B 529 21.04 2.22 3.82
N VAL B 530 20.30 1.37 3.12
CA VAL B 530 20.27 1.38 1.66
C VAL B 530 18.81 1.39 1.24
N ALA B 531 18.42 2.43 0.51
CA ALA B 531 17.00 2.56 0.18
C ALA B 531 16.79 3.43 -1.04
N ILE B 532 15.59 3.30 -1.59
CA ILE B 532 15.06 4.12 -2.68
C ILE B 532 13.87 4.89 -2.13
N ARG B 533 13.79 6.17 -2.47
CA ARG B 533 12.66 6.99 -2.07
C ARG B 533 12.11 7.70 -3.29
N ILE B 534 10.86 7.42 -3.65
CA ILE B 534 10.17 8.09 -4.74
C ILE B 534 9.17 9.05 -4.11
N GLN B 535 9.35 10.34 -4.35
CA GLN B 535 8.44 11.35 -3.84
C GLN B 535 7.47 11.75 -4.94
N PHE B 536 6.16 11.62 -4.67
CA PHE B 536 5.14 12.00 -5.63
C PHE B 536 4.78 13.48 -5.46
N LYS B 537 4.12 14.01 -6.49
CA LYS B 537 3.70 15.40 -6.48
C LYS B 537 2.55 15.61 -5.49
N ASP B 538 2.47 16.83 -4.97
CA ASP B 538 1.36 17.19 -4.11
C ASP B 538 0.05 16.98 -4.84
N GLU B 539 -0.98 16.52 -4.12
CA GLU B 539 -2.35 16.72 -4.56
C GLU B 539 -2.75 18.08 -3.97
N ILE B 540 -2.72 19.12 -4.82
CA ILE B 540 -2.78 20.47 -4.30
C ILE B 540 -4.16 20.79 -3.74
N ARG B 541 -5.21 20.42 -4.47
CA ARG B 541 -6.58 20.64 -4.05
C ARG B 541 -7.29 19.30 -3.83
N PRO B 542 -8.22 19.23 -2.86
CA PRO B 542 -8.72 20.31 -2.00
C PRO B 542 -8.05 20.46 -0.63
N TYR B 543 -7.05 19.65 -0.30
CA TYR B 543 -6.49 19.63 1.05
C TYR B 543 -5.36 20.62 1.26
N GLY B 544 -4.61 20.98 0.22
CA GLY B 544 -3.57 21.98 0.38
C GLY B 544 -2.57 21.59 1.46
N ASP B 545 -2.39 22.48 2.43
CA ASP B 545 -1.43 22.25 3.51
C ASP B 545 -1.81 21.06 4.39
N ALA B 546 -3.06 20.62 4.37
CA ALA B 546 -3.48 19.48 5.17
C ALA B 546 -3.08 18.14 4.55
N ALA B 547 -2.39 18.14 3.41
CA ALA B 547 -1.85 16.91 2.84
C ALA B 547 -0.34 17.03 2.74
N GLN B 548 0.30 15.91 2.45
CA GLN B 548 1.74 15.93 2.18
C GLN B 548 2.02 14.96 1.04
N ARG B 549 3.15 15.20 0.39
CA ARG B 549 3.53 14.37 -0.74
C ARG B 549 3.57 12.90 -0.33
N ASN B 550 2.84 12.07 -1.09
CA ASN B 550 3.00 10.63 -0.97
C ASN B 550 4.44 10.23 -1.32
N GLU B 551 4.86 9.09 -0.80
CA GLU B 551 6.16 8.54 -1.08
C GLU B 551 6.06 7.03 -1.19
N LEU B 552 6.91 6.47 -2.04
CA LEU B 552 7.18 5.04 -2.07
C LEU B 552 8.63 4.83 -1.64
N VAL B 553 8.82 3.99 -0.63
CA VAL B 553 10.14 3.68 -0.09
C VAL B 553 10.41 2.21 -0.29
N ILE B 554 11.57 1.88 -0.86
CA ILE B 554 12.03 0.51 -0.99
C ILE B 554 13.37 0.45 -0.26
N ARG B 555 13.41 -0.29 0.84
CA ARG B 555 14.60 -0.38 1.68
C ARG B 555 15.18 -1.78 1.59
N ALA B 556 16.51 -1.85 1.42
CA ALA B 556 17.23 -3.11 1.37
C ALA B 556 17.96 -3.42 2.66
N GLN B 557 18.64 -2.44 3.25
CA GLN B 557 19.42 -2.62 4.47
C GLN B 557 19.11 -1.48 5.43
N PRO B 558 19.08 -1.73 6.75
CA PRO B 558 19.43 -2.99 7.43
C PRO B 558 18.35 -4.06 7.31
N SER B 559 17.10 -3.64 7.18
CA SER B 559 15.96 -4.54 7.12
C SER B 559 15.18 -4.25 5.85
N GLU B 560 14.80 -5.29 5.13
CA GLU B 560 14.07 -5.13 3.88
C GLU B 560 12.65 -4.64 4.17
N ALA B 561 12.14 -3.79 3.27
CA ALA B 561 10.82 -3.20 3.46
C ALA B 561 10.39 -2.48 2.20
N MET B 562 9.08 -2.41 2.01
CA MET B 562 8.48 -1.54 1.00
C MET B 562 7.22 -0.94 1.61
N TYR B 563 7.04 0.37 1.49
CA TYR B 563 5.83 0.97 2.02
C TYR B 563 5.51 2.26 1.27
N MET B 564 4.23 2.58 1.29
CA MET B 564 3.70 3.82 0.73
C MET B 564 3.27 4.74 1.86
N LYS B 565 3.76 5.98 1.84
CA LYS B 565 3.29 7.00 2.76
C LYS B 565 2.14 7.76 2.12
N ILE B 566 1.01 7.81 2.82
CA ILE B 566 -0.20 8.46 2.33
C ILE B 566 -0.80 9.31 3.43
N THR B 567 -1.73 10.17 3.03
CA THR B 567 -2.48 11.02 3.94
C THR B 567 -3.85 10.41 4.20
N THR B 568 -4.21 10.29 5.47
CA THR B 568 -5.49 9.72 5.91
C THR B 568 -6.11 10.65 6.94
N LYS B 569 -7.42 10.57 7.09
CA LYS B 569 -8.09 11.37 8.10
C LYS B 569 -7.65 10.92 9.49
N MET B 570 -7.57 11.88 10.40
CA MET B 570 -7.20 11.59 11.77
C MET B 570 -8.27 10.70 12.41
N PRO B 571 -7.90 9.55 12.98
CA PRO B 571 -8.90 8.70 13.64
C PRO B 571 -9.59 9.46 14.76
N GLY B 572 -10.83 9.07 15.03
CA GLY B 572 -11.62 9.66 16.10
C GLY B 572 -12.55 10.75 15.60
N LEU B 573 -13.08 11.49 16.58
CA LEU B 573 -14.08 12.52 16.30
C LEU B 573 -13.37 13.82 15.99
N ASN B 574 -13.50 14.27 14.74
CA ASN B 574 -12.88 15.49 14.26
C ASN B 574 -13.91 16.58 14.04
N GLU B 575 -13.44 17.82 14.08
CA GLU B 575 -14.32 18.94 13.81
C GLU B 575 -14.49 19.20 12.31
N ASP B 576 -13.51 18.82 11.50
CA ASP B 576 -13.61 19.03 10.06
C ASP B 576 -12.72 18.04 9.31
N LEU B 577 -12.97 17.95 8.00
CA LEU B 577 -12.26 17.01 7.15
C LEU B 577 -10.78 17.35 6.99
N ARG B 578 -10.36 18.55 7.36
CA ARG B 578 -8.96 18.92 7.19
C ARG B 578 -8.04 18.40 8.29
N GLU B 579 -8.54 17.67 9.27
CA GLU B 579 -7.69 17.08 10.29
C GLU B 579 -7.22 15.71 9.77
N THR B 580 -5.93 15.61 9.47
CA THR B 580 -5.38 14.45 8.81
C THR B 580 -4.08 14.04 9.50
N HIS B 581 -3.57 12.88 9.12
CA HIS B 581 -2.25 12.47 9.56
C HIS B 581 -1.62 11.60 8.48
N GLN B 582 -0.31 11.45 8.58
CA GLN B 582 0.48 10.62 7.69
C GLN B 582 0.51 9.19 8.20
N THR B 583 0.27 8.24 7.31
CA THR B 583 0.29 6.83 7.67
C THR B 583 0.90 6.04 6.52
N GLU B 584 0.98 4.72 6.68
CA GLU B 584 1.76 3.87 5.79
C GLU B 584 0.99 2.63 5.37
N LEU B 585 1.18 2.22 4.11
CA LEU B 585 0.84 0.87 3.68
C LEU B 585 2.15 0.10 3.63
N ASP B 586 2.32 -0.87 4.52
CA ASP B 586 3.58 -1.59 4.68
C ASP B 586 3.48 -2.97 4.05
N LEU B 587 4.49 -3.35 3.27
CA LEU B 587 4.58 -4.72 2.78
C LEU B 587 4.80 -5.68 3.93
N THR B 588 4.11 -6.82 3.90
CA THR B 588 4.17 -7.81 4.97
C THR B 588 5.05 -8.99 4.55
N PRO B 598 19.68 -15.73 1.28
CA PRO B 598 20.39 -16.07 0.05
C PRO B 598 21.38 -14.99 -0.39
N ASP B 599 22.66 -15.33 -0.40
CA ASP B 599 23.71 -14.41 -0.83
C ASP B 599 23.44 -13.95 -2.27
N ALA B 600 24.06 -12.82 -2.62
CA ALA B 600 23.92 -12.30 -3.98
C ALA B 600 24.66 -13.17 -4.98
N TYR B 601 25.81 -13.72 -4.58
CA TYR B 601 26.57 -14.57 -5.50
C TYR B 601 25.85 -15.87 -5.79
N GLU B 602 25.04 -16.37 -4.85
CA GLU B 602 24.24 -17.55 -5.12
C GLU B 602 23.30 -17.30 -6.31
N SER B 603 22.62 -16.15 -6.29
CA SER B 603 21.67 -15.84 -7.36
C SER B 603 22.38 -15.63 -8.69
N LEU B 604 23.50 -14.91 -8.68
CA LEU B 604 24.20 -14.63 -9.93
C LEU B 604 24.89 -15.88 -10.47
N ILE B 605 25.52 -16.67 -9.61
CA ILE B 605 26.16 -17.89 -10.08
C ILE B 605 25.10 -18.83 -10.66
N SER B 606 23.98 -18.98 -9.96
CA SER B 606 22.88 -19.78 -10.49
C SER B 606 22.42 -19.26 -11.85
N ASP B 607 22.28 -17.94 -11.99
CA ASP B 607 21.84 -17.37 -13.26
C ASP B 607 22.84 -17.67 -14.37
N ALA B 608 24.15 -17.50 -14.09
CA ALA B 608 25.17 -17.81 -15.09
C ALA B 608 25.06 -19.26 -15.55
N LEU B 609 24.85 -20.19 -14.60
CA LEU B 609 24.74 -21.60 -14.97
C LEU B 609 23.57 -21.86 -15.90
N ARG B 610 22.52 -21.06 -15.81
CA ARG B 610 21.35 -21.23 -16.67
C ARG B 610 21.43 -20.41 -17.96
N GLY B 611 22.45 -19.57 -18.09
CA GLY B 611 22.58 -18.73 -19.27
C GLY B 611 21.75 -17.47 -19.26
N ASN B 612 21.34 -16.99 -18.09
CA ASN B 612 20.50 -15.82 -17.96
C ASN B 612 21.39 -14.64 -17.58
N SER B 613 21.61 -13.72 -18.53
CA SER B 613 22.51 -12.61 -18.31
C SER B 613 21.78 -11.34 -17.87
N THR B 614 20.52 -11.47 -17.47
CA THR B 614 19.73 -10.30 -17.11
C THR B 614 20.45 -9.46 -16.06
N ASN B 615 20.97 -10.09 -15.02
CA ASN B 615 21.58 -9.42 -13.88
C ASN B 615 23.10 -9.28 -14.02
N PHE B 616 23.59 -9.05 -15.23
CA PHE B 616 25.03 -8.89 -15.47
C PHE B 616 25.24 -7.70 -16.40
N VAL B 617 26.38 -7.03 -16.22
CA VAL B 617 26.63 -5.76 -16.87
C VAL B 617 27.17 -5.98 -18.29
N ARG B 618 26.42 -5.50 -19.29
CA ARG B 618 26.85 -5.64 -20.67
C ARG B 618 27.93 -4.61 -20.99
N LYS B 619 28.70 -4.89 -22.05
CA LYS B 619 29.86 -4.05 -22.35
C LYS B 619 29.46 -2.61 -22.63
N ASP B 620 28.45 -2.40 -23.48
CA ASP B 620 28.03 -1.04 -23.80
C ASP B 620 27.48 -0.33 -22.57
N GLU B 621 26.75 -1.06 -21.72
CA GLU B 621 26.25 -0.51 -20.47
C GLU B 621 27.39 0.00 -19.60
N LEU B 622 28.50 -0.72 -19.56
CA LEU B 622 29.63 -0.32 -18.71
C LEU B 622 30.19 1.03 -19.15
N ASP B 623 30.30 1.24 -20.47
CA ASP B 623 30.94 2.46 -20.97
C ASP B 623 30.03 3.67 -20.80
N VAL B 624 28.73 3.51 -21.03
CA VAL B 624 27.83 4.66 -20.86
C VAL B 624 27.85 5.13 -19.41
N ALA B 625 27.80 4.19 -18.47
CA ALA B 625 27.80 4.56 -17.06
C ALA B 625 29.10 5.28 -16.69
N TRP B 626 30.23 4.82 -17.22
CA TRP B 626 31.49 5.49 -16.90
C TRP B 626 31.50 6.90 -17.44
N ARG B 627 30.92 7.12 -18.63
CA ARG B 627 30.92 8.45 -19.22
C ARG B 627 30.03 9.42 -18.48
N ILE B 628 29.07 8.92 -17.69
CA ILE B 628 28.24 9.83 -16.89
C ILE B 628 29.08 10.48 -15.79
N PHE B 629 29.97 9.71 -15.16
CA PHE B 629 30.67 10.15 -13.96
C PHE B 629 32.12 10.58 -14.20
N THR B 630 32.73 10.19 -15.31
CA THR B 630 34.18 10.39 -15.45
C THR B 630 34.62 11.84 -15.51
N PRO B 631 33.93 12.74 -16.21
CA PRO B 631 34.35 14.16 -16.15
C PRO B 631 34.33 14.72 -14.74
N LEU B 632 33.32 14.38 -13.93
CA LEU B 632 33.32 14.81 -12.54
C LEU B 632 34.48 14.17 -11.77
N LEU B 633 34.74 12.88 -11.99
CA LEU B 633 35.83 12.20 -11.31
C LEU B 633 37.18 12.81 -11.66
N HIS B 634 37.36 13.24 -12.91
CA HIS B 634 38.61 13.88 -13.29
C HIS B 634 38.74 15.26 -12.65
N GLN B 635 37.65 16.02 -12.58
CA GLN B 635 37.68 17.31 -11.91
C GLN B 635 38.00 17.15 -10.43
N ILE B 636 37.49 16.10 -9.80
CA ILE B 636 37.74 15.87 -8.38
C ILE B 636 39.21 15.54 -8.16
N ASP B 637 39.77 14.64 -8.99
CA ASP B 637 41.17 14.25 -8.83
C ASP B 637 42.11 15.44 -9.02
N LYS B 638 41.74 16.38 -9.88
CA LYS B 638 42.56 17.56 -10.14
C LYS B 638 42.38 18.63 -9.08
N GLY B 639 41.56 18.38 -8.05
CA GLY B 639 41.37 19.32 -6.95
C GLY B 639 40.33 20.37 -7.18
N GLU B 640 39.59 20.32 -8.29
CA GLU B 640 38.62 21.35 -8.60
C GLU B 640 37.40 21.31 -7.70
N VAL B 641 37.21 20.24 -6.91
CA VAL B 641 36.05 20.12 -6.03
C VAL B 641 36.56 19.71 -4.65
N LYS B 642 36.51 20.64 -3.71
CA LYS B 642 37.05 20.39 -2.37
C LYS B 642 35.95 19.84 -1.48
N PRO B 643 36.13 18.67 -0.87
CA PRO B 643 35.08 18.13 -0.01
C PRO B 643 34.88 19.00 1.22
N ILE B 644 33.67 18.94 1.77
CA ILE B 644 33.30 19.71 2.95
C ILE B 644 33.48 18.83 4.17
N PRO B 645 34.22 19.27 5.18
CA PRO B 645 34.34 18.46 6.40
C PRO B 645 32.99 18.28 7.08
N TYR B 646 32.78 17.10 7.66
CA TYR B 646 31.63 16.83 8.51
C TYR B 646 32.07 15.82 9.56
N GLN B 647 31.59 16.00 10.79
CA GLN B 647 31.96 15.08 11.85
C GLN B 647 31.38 13.70 11.61
N ALA B 648 32.20 12.67 11.83
CA ALA B 648 31.71 11.30 11.75
C ALA B 648 30.54 11.12 12.72
N GLY B 649 29.50 10.45 12.24
CA GLY B 649 28.32 10.20 13.02
C GLY B 649 27.19 11.18 12.78
N THR B 650 27.46 12.33 12.18
CA THR B 650 26.40 13.25 11.80
C THR B 650 25.81 12.81 10.45
N ARG B 651 24.92 13.62 9.89
CA ARG B 651 24.28 13.30 8.62
C ARG B 651 25.17 13.56 7.42
N GLY B 652 26.18 14.41 7.55
CA GLY B 652 26.99 14.85 6.44
C GLY B 652 26.99 16.36 6.39
N PRO B 653 27.58 16.93 5.33
CA PRO B 653 27.56 18.39 5.20
C PRO B 653 26.13 18.90 5.16
N LYS B 654 25.90 20.01 5.87
CA LYS B 654 24.60 20.68 5.81
C LYS B 654 24.31 21.14 4.39
N GLU B 655 25.36 21.49 3.64
CA GLU B 655 25.17 21.90 2.25
C GLU B 655 24.46 20.83 1.44
N ALA B 656 24.67 19.56 1.79
CA ALA B 656 24.04 18.48 1.03
C ALA B 656 22.54 18.46 1.24
N ASP B 657 22.07 18.71 2.47
CA ASP B 657 20.63 18.72 2.72
C ASP B 657 19.95 19.89 2.01
N ASP B 658 20.63 21.05 1.95
CA ASP B 658 20.07 22.16 1.20
C ASP B 658 20.11 21.89 -0.30
N PHE B 659 21.17 21.25 -0.77
CA PHE B 659 21.22 20.85 -2.16
C PHE B 659 20.03 19.95 -2.51
N ILE B 660 19.69 19.02 -1.62
CA ILE B 660 18.59 18.12 -1.92
C ILE B 660 17.26 18.86 -1.94
N LEU B 661 17.09 19.82 -1.03
CA LEU B 661 15.83 20.58 -1.02
C LEU B 661 15.72 21.47 -2.25
N ASN B 662 16.79 22.18 -2.61
CA ASN B 662 16.74 23.04 -3.78
C ASN B 662 16.54 22.23 -5.07
N SER B 663 16.76 20.92 -5.03
CA SER B 663 16.55 20.06 -6.20
C SER B 663 15.10 19.71 -6.42
N GLY B 664 14.21 19.94 -5.45
CA GLY B 664 12.81 19.59 -5.57
C GLY B 664 12.31 18.61 -4.53
N PHE B 665 13.15 18.16 -3.61
CA PHE B 665 12.71 17.31 -2.52
C PHE B 665 12.15 18.17 -1.40
N LYS B 666 11.06 17.70 -0.78
CA LYS B 666 10.48 18.38 0.38
C LYS B 666 10.74 17.55 1.63
N PHE B 667 11.32 18.20 2.64
CA PHE B 667 11.65 17.59 3.93
C PHE B 667 10.40 17.38 4.78
PA NAP C . -10.07 -13.48 -0.99
O1A NAP C . -10.93 -13.70 0.22
O2A NAP C . -9.38 -14.62 -1.69
O5B NAP C . -11.03 -12.69 -2.07
C5B NAP C . -12.41 -12.64 -1.84
C4B NAP C . -13.10 -12.08 -3.09
O4B NAP C . -13.48 -13.17 -3.94
C3B NAP C . -14.41 -11.30 -2.82
O3B NAP C . -14.72 -10.31 -3.76
C2B NAP C . -15.46 -12.45 -2.84
O2B NAP C . -16.67 -11.89 -3.22
C1B NAP C . -14.89 -13.36 -3.94
N9A NAP C . -15.20 -14.78 -3.79
C8A NAP C . -15.02 -15.61 -2.70
N7A NAP C . -15.42 -16.83 -2.92
C5A NAP C . -15.86 -16.82 -4.21
C6A NAP C . -16.41 -17.82 -5.04
N6A NAP C . -16.59 -19.08 -4.63
N1A NAP C . -16.75 -17.48 -6.29
C2A NAP C . -16.57 -16.22 -6.70
N3A NAP C . -16.07 -15.21 -6.01
C4A NAP C . -15.74 -15.56 -4.77
O3 NAP C . -8.89 -12.38 -0.70
PN NAP C . -8.88 -11.05 0.29
O1N NAP C . -10.23 -10.84 0.90
O2N NAP C . -8.17 -9.98 -0.49
O5D NAP C . -7.91 -11.52 1.53
P2B NAP C . -17.76 -11.37 -1.96
O1X NAP C . -18.68 -10.37 -2.65
O2X NAP C . -18.41 -12.68 -1.55
O3X NAP C . -16.83 -10.76 -0.91
PA NAP D . 12.09 10.13 7.74
O1A NAP D . 12.99 9.67 8.83
O2A NAP D . 11.40 11.47 7.78
O5B NAP D . 12.97 10.00 6.36
C5B NAP D . 14.06 10.87 6.21
C4B NAP D . 14.07 11.38 4.76
O4B NAP D . 14.23 12.80 4.77
C3B NAP D . 15.25 10.88 3.90
O3B NAP D . 15.14 11.05 2.53
C2B NAP D . 16.34 11.79 4.55
O2B NAP D . 17.37 11.88 3.63
C1B NAP D . 15.60 13.12 4.72
N9A NAP D . 16.02 13.87 5.90
C8A NAP D . 16.16 13.44 7.19
N7A NAP D . 16.55 14.37 8.02
C5A NAP D . 16.66 15.49 7.24
C6A NAP D . 17.04 16.82 7.51
N6A NAP D . 17.37 17.22 8.74
N1A NAP D . 17.05 17.70 6.51
C2A NAP D . 16.71 17.28 5.29
N3A NAP D . 16.34 16.07 4.90
C4A NAP D . 16.34 15.21 5.91
O3 NAP D . 10.87 9.05 7.47
PN NAP D . 10.94 7.40 7.41
O1N NAP D . 12.15 6.90 8.11
O2N NAP D . 10.62 7.07 5.99
O5D NAP D . 9.66 6.97 8.36
P2B NAP D . 18.56 10.63 3.72
O1X NAP D . 19.41 10.97 2.51
O2X NAP D . 19.18 10.92 5.08
O3X NAP D . 17.79 9.32 3.64
#